data_4CD7
#
_entry.id   4CD7
#
_cell.length_a   69.472
_cell.length_b   76.586
_cell.length_c   140.212
_cell.angle_alpha   90.00
_cell.angle_beta   90.00
_cell.angle_gamma   90.00
#
_symmetry.space_group_name_H-M   'P 21 21 21'
#
loop_
_entity.id
_entity.type
_entity.pdbx_description
1 polymer ENDO-BETA-1,4-MANNANASE
2 branched beta-D-mannopyranose-(1-4)-alpha-D-mannopyranose
3 non-polymer 5-HYDROXYMETHYL-3,4-DIHYDROXYPIPERIDINE
4 non-polymer beta-D-mannopyranose
5 water water
#
_entity_poly.entity_id   1
_entity_poly.type   'polypeptide(L)'
_entity_poly.pdbx_seq_one_letter_code
;MGRIESAFDLGFIRGMTFGFVGQHGTWGTDEARASMRALAEQPFNWVTLAFAGLMEHPGDPAIAYGPPVTVSDDEIASMA
ELAHALGLKVCLKPTVNCRDGTWRGEIRFEKEHGPDLESWEAWFGSYSDMMAHYAHVAKRTGCEMFCVGCEMTTAEPHEA
MWRETIARVRTEYDGLVTYNCNHGREEHVRFWDAVDLISSSAYYPIDRWRDRVPVLREVAEAHEKPLFFMEVGCPSRSGS
GACPWDYRHPGAVCLDEQARFYEAMFAAMPDEPWFKGYMLWEWPWKLYPREAASEDGSYCIYGKPAEDVVARAFSAIANR
;
_entity_poly.pdbx_strand_id   A,B
#
loop_
_chem_comp.id
_chem_comp.type
_chem_comp.name
_chem_comp.formula
BMA D-saccharide, beta linking beta-D-mannopyranose 'C6 H12 O6'
IFM non-polymer 5-HYDROXYMETHYL-3,4-DIHYDROXYPIPERIDINE 'C6 H13 N O3'
MAN D-saccharide, alpha linking alpha-D-mannopyranose 'C6 H12 O6'
#
# COMPACT_ATOMS: atom_id res chain seq x y z
N SER A 6 13.34 -1.93 0.35
CA SER A 6 13.54 -3.40 0.57
C SER A 6 12.60 -4.23 -0.30
N ALA A 7 11.30 -3.93 -0.21
CA ALA A 7 10.28 -4.50 -1.10
C ALA A 7 10.40 -3.97 -2.54
N PHE A 8 10.49 -2.66 -2.68
CA PHE A 8 10.75 -2.03 -3.98
C PHE A 8 12.07 -2.50 -4.63
N ASP A 9 13.13 -2.61 -3.82
CA ASP A 9 14.46 -2.94 -4.33
C ASP A 9 14.61 -4.41 -4.63
N LEU A 10 13.60 -5.21 -4.30
CA LEU A 10 13.75 -6.67 -4.28
C LEU A 10 14.08 -7.20 -5.65
N GLY A 11 15.10 -8.05 -5.72
CA GLY A 11 15.44 -8.71 -6.94
C GLY A 11 14.28 -9.59 -7.38
N PHE A 12 14.08 -9.66 -8.69
CA PHE A 12 13.01 -10.48 -9.27
C PHE A 12 13.10 -11.93 -8.78
N ILE A 13 11.97 -12.49 -8.40
CA ILE A 13 11.92 -13.83 -7.75
C ILE A 13 11.85 -14.96 -8.78
N ARG A 14 12.81 -15.88 -8.71
CA ARG A 14 12.84 -17.09 -9.52
C ARG A 14 12.91 -18.24 -8.54
N GLY A 15 11.73 -18.68 -8.10
CA GLY A 15 11.64 -19.50 -6.91
C GLY A 15 10.96 -20.82 -7.08
N MET A 16 11.12 -21.65 -6.07
CA MET A 16 10.51 -22.99 -6.04
C MET A 16 10.12 -23.30 -4.61
N THR A 17 8.91 -23.86 -4.45
CA THR A 17 8.44 -24.36 -3.14
C THR A 17 8.91 -25.78 -2.92
N PHE A 18 9.44 -26.02 -1.72
CA PHE A 18 10.02 -27.29 -1.32
C PHE A 18 9.34 -27.90 -0.12
N GLY A 19 9.08 -29.20 -0.20
CA GLY A 19 8.92 -30.02 0.99
C GLY A 19 7.53 -30.19 1.55
N PHE A 20 6.51 -29.63 0.89
CA PHE A 20 5.15 -29.69 1.42
C PHE A 20 4.69 -31.17 1.44
N VAL A 21 4.00 -31.67 2.47
CA VAL A 21 3.39 -30.90 3.57
C VAL A 21 4.26 -30.74 4.83
N GLY A 22 5.54 -31.10 4.73
CA GLY A 22 6.43 -30.97 5.86
C GLY A 22 6.02 -31.90 7.02
N GLN A 23 5.74 -33.16 6.72
CA GLN A 23 5.48 -34.16 7.76
C GLN A 23 6.72 -34.35 8.62
N HIS A 24 6.47 -34.53 9.90
CA HIS A 24 7.51 -34.77 10.89
C HIS A 24 8.58 -35.77 10.41
N GLY A 25 9.85 -35.37 10.51
CA GLY A 25 10.95 -36.25 10.20
C GLY A 25 11.45 -36.27 8.77
N THR A 26 10.62 -35.85 7.84
CA THR A 26 10.93 -35.98 6.42
C THR A 26 12.03 -35.00 5.95
N TRP A 27 12.18 -33.84 6.57
CA TRP A 27 13.19 -32.90 6.09
C TRP A 27 14.57 -33.21 6.64
N GLY A 28 14.64 -33.95 7.75
CA GLY A 28 15.89 -34.38 8.36
C GLY A 28 16.48 -35.62 7.72
N THR A 29 16.06 -35.93 6.50
CA THR A 29 16.51 -37.13 5.80
C THR A 29 17.60 -36.87 4.76
N ASP A 30 18.34 -37.92 4.41
CA ASP A 30 19.29 -37.88 3.29
C ASP A 30 18.58 -37.52 1.98
N GLU A 31 17.39 -38.10 1.82
CA GLU A 31 16.55 -37.84 0.67
C GLU A 31 16.23 -36.36 0.53
N ALA A 32 15.88 -35.69 1.62
CA ALA A 32 15.49 -34.26 1.53
C ALA A 32 16.71 -33.43 1.14
N ARG A 33 17.85 -33.79 1.70
CA ARG A 33 19.11 -33.11 1.37
C ARG A 33 19.46 -33.25 -0.11
N ALA A 34 19.29 -34.45 -0.62
CA ALA A 34 19.53 -34.73 -2.03
C ALA A 34 18.58 -33.95 -2.92
N SER A 35 17.32 -33.85 -2.50
CA SER A 35 16.29 -33.12 -3.28
C SER A 35 16.56 -31.61 -3.33
N MET A 36 16.95 -31.04 -2.20
CA MET A 36 17.31 -29.64 -2.13
C MET A 36 18.52 -29.35 -3.00
N ARG A 37 19.52 -30.22 -3.00
CA ARG A 37 20.68 -30.04 -3.88
C ARG A 37 20.25 -30.05 -5.35
N ALA A 38 19.30 -30.93 -5.68
CA ALA A 38 18.83 -31.03 -7.07
C ALA A 38 18.08 -29.75 -7.45
N LEU A 39 17.27 -29.27 -6.53
CA LEU A 39 16.60 -27.97 -6.71
C LEU A 39 17.63 -26.88 -7.02
N ALA A 40 18.71 -26.82 -6.25
CA ALA A 40 19.69 -25.74 -6.43
C ALA A 40 20.54 -25.85 -7.70
N GLU A 41 20.51 -27.00 -8.39
CA GLU A 41 21.12 -27.15 -9.72
C GLU A 41 20.44 -26.25 -10.74
N GLN A 42 19.19 -25.89 -10.47
CA GLN A 42 18.35 -25.13 -11.37
C GLN A 42 18.54 -23.63 -11.12
N PRO A 43 18.21 -22.78 -12.10
CA PRO A 43 18.40 -21.32 -11.93
C PRO A 43 17.32 -20.64 -11.05
N PHE A 44 17.27 -21.06 -9.79
CA PHE A 44 16.39 -20.44 -8.80
C PHE A 44 17.23 -19.59 -7.88
N ASN A 45 16.71 -18.42 -7.52
CA ASN A 45 17.32 -17.60 -6.48
C ASN A 45 16.57 -17.66 -5.12
N TRP A 46 15.38 -18.28 -5.12
CA TRP A 46 14.59 -18.45 -3.89
C TRP A 46 14.07 -19.86 -3.74
N VAL A 47 13.97 -20.29 -2.50
CA VAL A 47 13.21 -21.50 -2.11
C VAL A 47 12.22 -21.13 -1.01
N THR A 48 11.00 -21.67 -1.09
CA THR A 48 10.04 -21.57 0.02
C THR A 48 9.95 -22.91 0.73
N LEU A 49 10.18 -22.89 2.03
CA LEU A 49 9.96 -24.06 2.87
C LEU A 49 8.52 -24.01 3.38
N ALA A 50 7.67 -24.89 2.83
CA ALA A 50 6.26 -24.88 3.11
C ALA A 50 5.85 -26.15 3.88
N PHE A 51 4.99 -25.98 4.86
CA PHE A 51 4.51 -27.12 5.68
C PHE A 51 3.16 -26.77 6.28
N ALA A 52 2.40 -27.78 6.67
CA ALA A 52 1.06 -27.58 7.14
C ALA A 52 0.85 -28.18 8.52
N GLY A 53 0.36 -27.34 9.44
CA GLY A 53 -0.29 -27.81 10.67
C GLY A 53 -1.61 -28.44 10.31
N LEU A 54 -2.30 -29.04 11.29
CA LEU A 54 -3.49 -29.80 11.02
C LEU A 54 -4.67 -29.43 11.92
N MET A 55 -5.81 -29.16 11.28
CA MET A 55 -7.11 -29.08 11.93
C MET A 55 -7.84 -30.42 11.72
N GLU A 56 -8.63 -30.87 12.69
CA GLU A 56 -9.31 -32.15 12.50
C GLU A 56 -10.43 -31.96 11.48
N HIS A 57 -11.09 -30.80 11.57
CA HIS A 57 -12.25 -30.49 10.76
C HIS A 57 -12.22 -29.00 10.47
N PRO A 58 -12.91 -28.59 9.38
CA PRO A 58 -12.87 -27.17 9.02
C PRO A 58 -13.55 -26.21 10.03
N GLY A 59 -14.31 -26.80 10.97
CA GLY A 59 -14.98 -26.05 12.06
C GLY A 59 -14.35 -26.17 13.45
N ASP A 60 -13.12 -26.68 13.49
CA ASP A 60 -12.38 -26.87 14.74
CA ASP A 60 -12.36 -26.85 14.75
C ASP A 60 -11.36 -25.73 14.99
N PRO A 61 -11.45 -25.05 16.14
CA PRO A 61 -10.52 -23.94 16.36
C PRO A 61 -9.08 -24.33 16.73
N ALA A 62 -8.84 -25.60 17.03
CA ALA A 62 -7.52 -26.05 17.44
C ALA A 62 -6.69 -26.40 16.21
N ILE A 63 -5.43 -26.00 16.25
CA ILE A 63 -4.48 -26.35 15.21
C ILE A 63 -3.29 -27.07 15.85
N ALA A 64 -2.98 -28.26 15.31
CA ALA A 64 -1.83 -29.05 15.78
C ALA A 64 -0.65 -28.70 14.87
N TYR A 65 0.48 -28.38 15.46
CA TYR A 65 1.70 -28.11 14.71
C TYR A 65 2.88 -28.44 15.61
N GLY A 66 4.03 -28.56 14.98
CA GLY A 66 5.19 -29.16 15.64
C GLY A 66 5.05 -30.68 15.62
N PRO A 67 6.08 -31.38 16.10
CA PRO A 67 5.98 -32.83 16.21
C PRO A 67 4.80 -33.22 17.13
N PRO A 68 4.15 -34.34 16.84
CA PRO A 68 4.45 -35.35 15.85
C PRO A 68 3.85 -35.06 14.44
N VAL A 69 3.19 -33.91 14.24
CA VAL A 69 2.53 -33.63 12.97
C VAL A 69 3.53 -33.10 11.94
N THR A 70 4.15 -31.99 12.27
CA THR A 70 5.03 -31.30 11.32
C THR A 70 6.49 -31.58 11.61
N VAL A 71 7.32 -31.22 10.65
CA VAL A 71 8.74 -31.11 10.87
C VAL A 71 9.03 -30.32 12.16
N SER A 72 10.07 -30.72 12.87
CA SER A 72 10.51 -29.96 14.05
C SER A 72 11.13 -28.61 13.62
N ASP A 73 11.30 -27.72 14.60
CA ASP A 73 11.98 -26.45 14.36
C ASP A 73 13.42 -26.68 13.89
N ASP A 74 14.10 -27.67 14.46
CA ASP A 74 15.46 -28.00 14.05
C ASP A 74 15.53 -28.56 12.62
N GLU A 75 14.50 -29.29 12.17
CA GLU A 75 14.43 -29.75 10.78
C GLU A 75 14.27 -28.55 9.83
N ILE A 76 13.43 -27.59 10.22
CA ILE A 76 13.29 -26.36 9.46
C ILE A 76 14.65 -25.66 9.36
N ALA A 77 15.34 -25.58 10.50
CA ALA A 77 16.62 -24.90 10.53
C ALA A 77 17.65 -25.60 9.67
N SER A 78 17.68 -26.92 9.70
CA SER A 78 18.60 -27.72 8.88
CA SER A 78 18.69 -27.62 8.90
C SER A 78 18.43 -27.43 7.39
N MET A 79 17.18 -27.42 6.96
CA MET A 79 16.86 -27.14 5.54
C MET A 79 17.16 -25.68 5.17
N ALA A 80 16.83 -24.74 6.05
CA ALA A 80 17.14 -23.32 5.79
C ALA A 80 18.66 -23.07 5.67
N GLU A 81 19.43 -23.71 6.56
CA GLU A 81 20.90 -23.63 6.55
C GLU A 81 21.46 -24.17 5.26
N LEU A 82 20.93 -25.31 4.80
CA LEU A 82 21.41 -25.93 3.58
C LEU A 82 21.09 -25.05 2.38
N ALA A 83 19.83 -24.59 2.33
CA ALA A 83 19.41 -23.70 1.25
C ALA A 83 20.25 -22.45 1.15
N HIS A 84 20.48 -21.81 2.29
CA HIS A 84 21.30 -20.57 2.35
C HIS A 84 22.73 -20.85 1.88
N ALA A 85 23.29 -21.99 2.31
CA ALA A 85 24.67 -22.33 1.90
C ALA A 85 24.76 -22.69 0.40
N LEU A 86 23.64 -23.13 -0.20
CA LEU A 86 23.54 -23.32 -1.67
C LEU A 86 23.21 -22.04 -2.43
N GLY A 87 23.17 -20.91 -1.72
CA GLY A 87 23.04 -19.58 -2.35
C GLY A 87 21.60 -19.08 -2.51
N LEU A 88 20.65 -19.82 -1.95
CA LEU A 88 19.23 -19.46 -2.03
C LEU A 88 18.77 -18.54 -0.90
N LYS A 89 17.89 -17.59 -1.25
CA LYS A 89 17.08 -16.90 -0.27
C LYS A 89 15.91 -17.82 0.09
N VAL A 90 15.44 -17.71 1.33
CA VAL A 90 14.42 -18.63 1.86
C VAL A 90 13.21 -17.89 2.40
N CYS A 91 12.02 -18.32 1.95
CA CYS A 91 10.77 -17.88 2.54
C CYS A 91 10.20 -19.02 3.37
N LEU A 92 9.78 -18.73 4.60
CA LEU A 92 9.12 -19.71 5.44
C LEU A 92 7.61 -19.53 5.36
N LYS A 93 6.92 -20.64 5.03
CA LYS A 93 5.48 -20.66 4.80
C LYS A 93 4.77 -21.74 5.62
N PRO A 94 4.41 -21.41 6.86
CA PRO A 94 3.51 -22.29 7.65
C PRO A 94 2.10 -22.05 7.17
N THR A 95 1.36 -23.11 6.96
CA THR A 95 -0.07 -23.01 6.70
C THR A 95 -0.80 -24.12 7.47
N VAL A 96 -2.06 -24.33 7.14
CA VAL A 96 -2.90 -25.28 7.85
C VAL A 96 -3.77 -26.06 6.89
N ASN A 97 -3.84 -27.37 7.10
CA ASN A 97 -4.72 -28.27 6.38
C ASN A 97 -5.72 -28.92 7.34
N CYS A 98 -6.78 -29.48 6.77
CA CYS A 98 -7.76 -30.24 7.53
C CYS A 98 -7.58 -31.71 7.28
N ARG A 99 -7.65 -32.52 8.34
CA ARG A 99 -7.42 -33.94 8.23
C ARG A 99 -8.43 -34.62 7.28
N ASP A 100 -9.65 -34.10 7.23
CA ASP A 100 -10.69 -34.67 6.36
C ASP A 100 -10.54 -34.27 4.89
N GLY A 101 -9.55 -33.43 4.58
CA GLY A 101 -9.28 -33.05 3.20
C GLY A 101 -9.94 -31.76 2.75
N THR A 102 -10.75 -31.16 3.59
CA THR A 102 -11.40 -29.87 3.26
C THR A 102 -10.33 -28.79 3.06
N TRP A 103 -10.47 -28.02 1.99
CA TRP A 103 -9.58 -26.93 1.69
C TRP A 103 -9.63 -25.86 2.77
N ARG A 104 -8.46 -25.33 3.12
CA ARG A 104 -8.34 -24.30 4.16
C ARG A 104 -9.04 -23.00 3.82
N GLY A 105 -9.33 -22.80 2.54
CA GLY A 105 -10.11 -21.64 2.09
C GLY A 105 -11.59 -21.69 2.41
N GLU A 106 -12.02 -22.82 2.95
CA GLU A 106 -13.41 -23.05 3.37
C GLU A 106 -13.58 -23.30 4.87
N ILE A 107 -12.59 -22.98 5.71
CA ILE A 107 -12.83 -23.06 7.16
C ILE A 107 -13.95 -22.09 7.60
N ARG A 108 -14.71 -22.49 8.60
CA ARG A 108 -15.95 -21.76 8.94
C ARG A 108 -16.28 -22.00 10.40
N PHE A 109 -16.74 -20.94 11.06
CA PHE A 109 -17.25 -21.00 12.41
C PHE A 109 -18.58 -20.24 12.52
N GLU A 110 -19.47 -20.74 13.36
CA GLU A 110 -20.76 -20.09 13.56
CA GLU A 110 -20.77 -20.12 13.62
C GLU A 110 -20.66 -18.83 14.42
N LYS A 111 -19.68 -18.77 15.32
CA LYS A 111 -19.52 -17.66 16.24
CA LYS A 111 -19.52 -17.66 16.24
C LYS A 111 -18.30 -16.80 15.85
N GLU A 112 -18.42 -15.48 16.03
CA GLU A 112 -17.30 -14.58 15.85
C GLU A 112 -16.37 -14.65 17.04
N HIS A 113 -16.98 -14.58 18.23
CA HIS A 113 -16.26 -14.35 19.48
C HIS A 113 -16.46 -15.49 20.48
N GLY A 114 -15.54 -15.57 21.45
CA GLY A 114 -15.57 -16.57 22.51
C GLY A 114 -14.29 -17.42 22.49
N PRO A 115 -13.31 -17.06 23.33
CA PRO A 115 -12.04 -17.83 23.35
C PRO A 115 -12.17 -19.34 23.60
N ASP A 116 -13.21 -19.77 24.31
CA ASP A 116 -13.40 -21.19 24.62
C ASP A 116 -14.54 -21.83 23.84
N LEU A 117 -15.01 -21.13 22.81
CA LEU A 117 -16.10 -21.61 21.96
C LEU A 117 -15.52 -21.94 20.57
N GLU A 118 -16.32 -22.56 19.70
CA GLU A 118 -15.95 -22.80 18.32
C GLU A 118 -16.19 -21.53 17.50
N SER A 119 -15.28 -20.59 17.68
CA SER A 119 -15.39 -19.22 17.15
C SER A 119 -14.19 -18.84 16.30
N TRP A 120 -14.39 -17.78 15.54
CA TRP A 120 -13.32 -17.17 14.78
C TRP A 120 -12.23 -16.66 15.75
N GLU A 121 -12.64 -16.08 16.87
CA GLU A 121 -11.69 -15.58 17.85
C GLU A 121 -10.78 -16.71 18.35
N ALA A 122 -11.39 -17.86 18.66
CA ALA A 122 -10.64 -19.02 19.10
C ALA A 122 -9.67 -19.52 18.05
N TRP A 123 -10.16 -19.65 16.82
CA TRP A 123 -9.34 -20.13 15.74
C TRP A 123 -8.17 -19.18 15.50
N PHE A 124 -8.43 -17.87 15.47
CA PHE A 124 -7.34 -16.92 15.27
C PHE A 124 -6.36 -16.89 16.43
N GLY A 125 -6.83 -17.27 17.61
CA GLY A 125 -5.93 -17.35 18.77
C GLY A 125 -4.93 -18.46 18.51
N SER A 126 -5.42 -19.62 18.07
CA SER A 126 -4.52 -20.72 17.69
C SER A 126 -3.58 -20.35 16.53
N TYR A 127 -4.15 -19.72 15.50
CA TYR A 127 -3.41 -19.41 14.30
C TYR A 127 -2.34 -18.36 14.58
N SER A 128 -2.70 -17.35 15.35
CA SER A 128 -1.76 -16.30 15.75
C SER A 128 -0.60 -16.88 16.57
N ASP A 129 -0.88 -17.79 17.51
CA ASP A 129 0.21 -18.48 18.24
C ASP A 129 1.12 -19.25 17.28
N MET A 130 0.54 -19.97 16.33
CA MET A 130 1.35 -20.68 15.32
C MET A 130 2.23 -19.72 14.52
N MET A 131 1.65 -18.62 14.04
CA MET A 131 2.41 -17.66 13.22
C MET A 131 3.52 -17.01 14.03
N ALA A 132 3.24 -16.69 15.28
CA ALA A 132 4.26 -16.11 16.15
C ALA A 132 5.37 -17.12 16.37
N HIS A 133 5.00 -18.39 16.56
CA HIS A 133 6.00 -19.44 16.74
C HIS A 133 6.95 -19.51 15.55
N TYR A 134 6.36 -19.63 14.36
CA TYR A 134 7.18 -19.74 13.14
C TYR A 134 7.82 -18.45 12.65
N ALA A 135 7.27 -17.30 13.02
CA ALA A 135 7.95 -16.02 12.71
C ALA A 135 9.26 -15.97 13.50
N HIS A 136 9.20 -16.44 14.73
CA HIS A 136 10.42 -16.53 15.54
C HIS A 136 11.44 -17.53 14.94
N VAL A 137 10.96 -18.66 14.44
CA VAL A 137 11.85 -19.61 13.74
C VAL A 137 12.45 -18.96 12.50
N ALA A 138 11.65 -18.18 11.78
CA ALA A 138 12.14 -17.48 10.59
C ALA A 138 13.26 -16.53 10.96
N LYS A 139 13.09 -15.83 12.09
CA LYS A 139 14.16 -14.94 12.55
C LYS A 139 15.41 -15.75 12.92
N ARG A 140 15.23 -16.79 13.72
CA ARG A 140 16.36 -17.69 14.13
C ARG A 140 17.23 -18.21 12.96
N THR A 141 16.54 -18.59 11.89
CA THR A 141 17.13 -19.22 10.74
C THR A 141 17.49 -18.21 9.62
N GLY A 142 17.25 -16.93 9.85
CA GLY A 142 17.64 -15.93 8.84
C GLY A 142 16.86 -15.98 7.54
N CYS A 143 15.63 -16.48 7.58
CA CYS A 143 14.76 -16.48 6.41
C CYS A 143 14.46 -15.04 5.99
N GLU A 144 14.60 -14.82 4.69
CA GLU A 144 14.50 -13.49 4.10
C GLU A 144 13.03 -13.05 3.91
N MET A 145 12.13 -14.01 3.95
CA MET A 145 10.71 -13.73 3.86
C MET A 145 9.90 -14.70 4.72
N PHE A 146 8.73 -14.24 5.15
CA PHE A 146 7.78 -15.00 5.92
C PHE A 146 6.42 -14.78 5.30
N CYS A 147 5.69 -15.86 5.08
CA CYS A 147 4.33 -15.85 4.52
C CYS A 147 3.32 -16.15 5.62
N VAL A 148 2.47 -15.16 5.93
CA VAL A 148 1.58 -15.18 7.10
C VAL A 148 0.26 -15.92 6.85
N GLY A 149 -0.02 -16.25 5.59
CA GLY A 149 -1.16 -17.09 5.32
C GLY A 149 -1.25 -17.45 3.87
N CYS A 150 -2.11 -18.43 3.58
CA CYS A 150 -2.22 -19.01 2.24
C CYS A 150 -3.65 -19.43 1.93
N GLU A 151 -4.27 -18.72 0.97
CA GLU A 151 -5.56 -19.09 0.39
C GLU A 151 -6.71 -19.11 1.40
N MET A 152 -6.69 -18.21 2.39
CA MET A 152 -7.65 -18.28 3.49
C MET A 152 -8.90 -17.47 3.13
N THR A 153 -9.55 -17.84 2.04
CA THR A 153 -10.64 -17.00 1.53
C THR A 153 -11.77 -16.73 2.53
N THR A 154 -12.24 -17.72 3.28
CA THR A 154 -13.29 -17.48 4.29
C THR A 154 -12.80 -16.63 5.51
N ALA A 155 -11.52 -16.70 5.83
CA ALA A 155 -10.94 -15.92 6.92
C ALA A 155 -10.68 -14.45 6.56
N GLU A 156 -10.47 -14.18 5.28
CA GLU A 156 -10.04 -12.86 4.84
C GLU A 156 -10.99 -11.70 5.29
N PRO A 157 -12.32 -11.91 5.30
CA PRO A 157 -13.18 -10.80 5.79
C PRO A 157 -12.95 -10.38 7.27
N HIS A 158 -12.31 -11.24 8.05
CA HIS A 158 -12.05 -10.95 9.47
C HIS A 158 -10.82 -10.09 9.56
N GLU A 159 -10.98 -8.88 9.08
CA GLU A 159 -9.84 -8.00 8.85
C GLU A 159 -9.09 -7.61 10.14
N ALA A 160 -9.82 -7.27 11.19
CA ALA A 160 -9.17 -6.92 12.45
C ALA A 160 -8.30 -8.06 12.96
N MET A 161 -8.81 -9.28 12.88
CA MET A 161 -8.09 -10.44 13.34
C MET A 161 -6.82 -10.69 12.51
N TRP A 162 -6.89 -10.50 11.19
CA TRP A 162 -5.69 -10.62 10.34
C TRP A 162 -4.66 -9.53 10.70
N ARG A 163 -5.16 -8.33 10.99
CA ARG A 163 -4.22 -7.26 11.34
C ARG A 163 -3.54 -7.54 12.69
N GLU A 164 -4.28 -8.13 13.65
CA GLU A 164 -3.68 -8.51 14.94
C GLU A 164 -2.61 -9.57 14.72
N THR A 165 -2.90 -10.53 13.86
CA THR A 165 -1.97 -11.62 13.56
C THR A 165 -0.67 -11.11 12.93
N ILE A 166 -0.82 -10.24 11.94
CA ILE A 166 0.31 -9.65 11.27
C ILE A 166 1.17 -8.81 12.21
N ALA A 167 0.51 -8.00 13.04
CA ALA A 167 1.24 -7.16 14.00
C ALA A 167 2.08 -8.05 14.93
N ARG A 168 1.56 -9.22 15.28
CA ARG A 168 2.27 -10.08 16.18
C ARG A 168 3.51 -10.68 15.51
N VAL A 169 3.34 -11.08 14.26
CA VAL A 169 4.46 -11.50 13.42
C VAL A 169 5.56 -10.43 13.35
N ARG A 170 5.18 -9.15 13.21
CA ARG A 170 6.18 -8.07 13.13
C ARG A 170 6.98 -7.93 14.43
N THR A 171 6.37 -8.27 15.58
CA THR A 171 7.11 -8.20 16.87
C THR A 171 8.18 -9.25 16.97
N GLU A 172 8.01 -10.34 16.22
CA GLU A 172 8.90 -11.52 16.25
C GLU A 172 9.87 -11.61 15.07
N TYR A 173 9.62 -10.84 14.01
CA TYR A 173 10.31 -11.06 12.73
C TYR A 173 10.48 -9.75 11.97
N ASP A 174 11.71 -9.44 11.55
CA ASP A 174 12.06 -8.14 10.91
C ASP A 174 12.23 -8.21 9.37
N GLY A 175 11.99 -9.38 8.78
CA GLY A 175 12.17 -9.58 7.33
C GLY A 175 10.95 -9.22 6.53
N LEU A 176 10.95 -9.58 5.24
CA LEU A 176 9.81 -9.29 4.35
C LEU A 176 8.64 -10.17 4.76
N VAL A 177 7.46 -9.61 4.77
CA VAL A 177 6.25 -10.34 5.09
C VAL A 177 5.29 -10.25 3.90
N THR A 178 4.73 -11.40 3.52
CA THR A 178 3.65 -11.42 2.54
C THR A 178 2.48 -12.21 3.06
N TYR A 179 1.33 -12.00 2.45
CA TYR A 179 0.17 -12.88 2.58
C TYR A 179 -0.14 -13.35 1.15
N ASN A 180 -0.41 -14.64 1.01
CA ASN A 180 -0.66 -15.38 -0.22
C ASN A 180 -2.19 -15.64 -0.34
N CYS A 181 -2.87 -14.83 -1.14
CA CYS A 181 -4.32 -15.03 -1.37
C CYS A 181 -4.52 -16.00 -2.53
N ASN A 182 -5.75 -16.50 -2.67
CA ASN A 182 -6.08 -17.38 -3.78
C ASN A 182 -6.21 -16.57 -5.06
N HIS A 183 -6.01 -17.22 -6.20
CA HIS A 183 -6.30 -16.55 -7.46
C HIS A 183 -7.74 -16.06 -7.41
N GLY A 184 -7.94 -14.84 -7.91
CA GLY A 184 -9.26 -14.22 -7.90
C GLY A 184 -9.59 -13.40 -6.66
N ARG A 185 -8.66 -13.38 -5.71
CA ARG A 185 -8.86 -12.63 -4.45
C ARG A 185 -7.97 -11.41 -4.34
N GLU A 186 -7.06 -11.23 -5.31
CA GLU A 186 -6.10 -10.11 -5.26
C GLU A 186 -6.82 -8.78 -5.08
N GLU A 187 -7.93 -8.61 -5.80
CA GLU A 187 -8.72 -7.38 -5.78
C GLU A 187 -9.76 -7.35 -4.64
N HIS A 188 -9.71 -8.32 -3.75
CA HIS A 188 -10.67 -8.44 -2.67
C HIS A 188 -10.10 -8.27 -1.28
N VAL A 189 -8.86 -8.67 -1.07
CA VAL A 189 -8.20 -8.59 0.24
C VAL A 189 -8.10 -7.13 0.73
N ARG A 190 -8.45 -6.87 1.99
CA ARG A 190 -8.55 -5.52 2.54
C ARG A 190 -7.30 -5.03 3.27
N PHE A 191 -6.35 -5.94 3.48
CA PHE A 191 -5.20 -5.65 4.38
C PHE A 191 -3.86 -5.68 3.69
N TRP A 192 -3.81 -5.42 2.38
CA TRP A 192 -2.52 -5.40 1.69
C TRP A 192 -1.57 -4.35 2.27
N ASP A 193 -2.09 -3.26 2.83
CA ASP A 193 -1.23 -2.24 3.43
C ASP A 193 -0.39 -2.79 4.62
N ALA A 194 -0.82 -3.90 5.20
CA ALA A 194 -0.18 -4.46 6.40
C ALA A 194 0.96 -5.43 6.09
N VAL A 195 1.18 -5.75 4.81
CA VAL A 195 2.27 -6.62 4.38
C VAL A 195 3.21 -5.88 3.42
N ASP A 196 4.37 -6.44 3.15
CA ASP A 196 5.37 -5.73 2.30
C ASP A 196 5.21 -6.01 0.81
N LEU A 197 4.69 -7.21 0.52
CA LEU A 197 4.50 -7.72 -0.85
C LEU A 197 3.15 -8.39 -0.95
N ILE A 198 2.43 -8.09 -2.03
CA ILE A 198 1.18 -8.77 -2.37
C ILE A 198 1.53 -10.08 -3.07
N SER A 199 0.87 -11.18 -2.70
CA SER A 199 1.15 -12.42 -3.41
C SER A 199 -0.08 -13.27 -3.57
N SER A 200 -0.10 -14.09 -4.61
CA SER A 200 -1.21 -14.98 -4.85
C SER A 200 -0.81 -16.36 -5.34
N SER A 201 -1.78 -17.27 -5.21
CA SER A 201 -1.73 -18.61 -5.75
C SER A 201 -2.34 -18.52 -7.13
N ALA A 202 -1.48 -18.20 -8.08
CA ALA A 202 -1.88 -17.77 -9.40
C ALA A 202 -2.14 -18.91 -10.39
N TYR A 203 -3.05 -19.81 -10.04
CA TYR A 203 -3.41 -20.96 -10.85
C TYR A 203 -4.48 -20.57 -11.89
N TYR A 204 -4.12 -19.63 -12.73
CA TYR A 204 -5.00 -19.18 -13.80
C TYR A 204 -4.95 -20.21 -14.92
N PRO A 205 -6.12 -20.59 -15.46
CA PRO A 205 -6.08 -21.48 -16.62
C PRO A 205 -5.24 -20.92 -17.79
N ILE A 206 -4.75 -21.81 -18.64
CA ILE A 206 -3.93 -21.44 -19.82
C ILE A 206 -4.52 -20.24 -20.57
N ASP A 207 -5.83 -20.30 -20.82
CA ASP A 207 -6.47 -19.31 -21.69
CA ASP A 207 -6.52 -19.32 -21.68
C ASP A 207 -6.85 -18.01 -20.97
N ARG A 208 -6.56 -17.90 -19.66
CA ARG A 208 -6.96 -16.68 -18.92
C ARG A 208 -5.82 -15.71 -18.60
N TRP A 209 -4.59 -16.18 -18.73
CA TRP A 209 -3.43 -15.36 -18.46
C TRP A 209 -3.53 -14.06 -19.26
N ARG A 210 -3.85 -14.18 -20.55
CA ARG A 210 -3.89 -13.03 -21.42
C ARG A 210 -4.80 -11.90 -20.93
N ASP A 211 -5.88 -12.24 -20.24
CA ASP A 211 -6.82 -11.22 -19.82
C ASP A 211 -6.88 -10.95 -18.31
N ARG A 212 -6.08 -11.70 -17.53
CA ARG A 212 -5.99 -11.51 -16.07
C ARG A 212 -4.99 -10.41 -15.71
N VAL A 213 -3.99 -10.25 -16.56
CA VAL A 213 -2.89 -9.29 -16.29
C VAL A 213 -3.38 -7.87 -15.90
N PRO A 214 -4.38 -7.33 -16.63
CA PRO A 214 -4.79 -5.96 -16.25
C PRO A 214 -5.23 -5.79 -14.81
N VAL A 215 -5.94 -6.78 -14.24
CA VAL A 215 -6.37 -6.68 -12.83
C VAL A 215 -5.16 -6.79 -11.87
N LEU A 216 -4.19 -7.65 -12.22
CA LEU A 216 -2.99 -7.79 -11.39
C LEU A 216 -2.23 -6.46 -11.38
N ARG A 217 -2.07 -5.87 -12.56
CA ARG A 217 -1.41 -4.57 -12.68
C ARG A 217 -2.13 -3.50 -11.86
N GLU A 218 -3.46 -3.43 -12.00
CA GLU A 218 -4.28 -2.46 -11.27
C GLU A 218 -4.13 -2.62 -9.76
N VAL A 219 -4.14 -3.86 -9.26
CA VAL A 219 -4.02 -4.10 -7.81
C VAL A 219 -2.67 -3.63 -7.29
N ALA A 220 -1.60 -4.04 -7.95
CA ALA A 220 -0.27 -3.65 -7.52
C ALA A 220 -0.09 -2.15 -7.56
N GLU A 221 -0.46 -1.52 -8.67
CA GLU A 221 -0.27 -0.07 -8.84
C GLU A 221 -1.15 0.73 -7.84
N ALA A 222 -2.39 0.27 -7.63
CA ALA A 222 -3.28 0.91 -6.68
C ALA A 222 -2.76 0.90 -5.25
N HIS A 223 -2.10 -0.18 -4.87
CA HIS A 223 -1.62 -0.34 -3.48
C HIS A 223 -0.16 0.09 -3.31
N GLU A 224 0.44 0.56 -4.41
CA GLU A 224 1.84 0.97 -4.44
C GLU A 224 2.76 -0.06 -3.75
N LYS A 225 2.54 -1.32 -4.11
CA LYS A 225 3.29 -2.46 -3.56
C LYS A 225 3.58 -3.42 -4.71
N PRO A 226 4.75 -4.08 -4.68
CA PRO A 226 4.99 -5.15 -5.64
C PRO A 226 4.09 -6.36 -5.42
N LEU A 227 3.82 -7.04 -6.51
CA LEU A 227 2.98 -8.24 -6.53
C LEU A 227 3.81 -9.38 -7.12
N PHE A 228 3.75 -10.54 -6.47
CA PHE A 228 4.37 -11.74 -7.06
C PHE A 228 3.47 -12.93 -6.82
N PHE A 229 3.80 -14.06 -7.43
CA PHE A 229 3.04 -15.28 -7.22
C PHE A 229 3.70 -16.19 -6.18
N MET A 230 3.08 -16.36 -5.02
CA MET A 230 3.64 -17.26 -3.99
C MET A 230 3.39 -18.74 -4.28
N GLU A 231 2.44 -19.04 -5.17
CA GLU A 231 2.32 -20.40 -5.75
C GLU A 231 1.94 -20.23 -7.23
N VAL A 232 2.56 -21.01 -8.11
CA VAL A 232 2.11 -21.12 -9.49
C VAL A 232 2.65 -22.43 -10.05
N GLY A 233 1.82 -23.16 -10.78
CA GLY A 233 2.25 -24.44 -11.33
C GLY A 233 1.08 -25.13 -11.97
N CYS A 234 1.36 -26.32 -12.51
CA CYS A 234 0.36 -27.14 -13.13
C CYS A 234 0.78 -28.61 -13.10
N PRO A 235 -0.15 -29.53 -12.79
CA PRO A 235 0.25 -30.91 -12.87
C PRO A 235 0.47 -31.33 -14.32
N SER A 236 1.36 -32.28 -14.52
CA SER A 236 1.57 -32.87 -15.83
C SER A 236 0.52 -33.95 -16.10
N ARG A 237 -0.75 -33.54 -16.18
CA ARG A 237 -1.84 -34.47 -16.51
C ARG A 237 -2.73 -33.85 -17.56
N SER A 238 -3.36 -34.71 -18.35
CA SER A 238 -4.23 -34.28 -19.44
C SER A 238 -5.35 -33.38 -18.92
N GLY A 239 -5.54 -32.21 -19.54
CA GLY A 239 -6.62 -31.29 -19.16
C GLY A 239 -6.35 -30.37 -17.97
N SER A 240 -5.21 -30.57 -17.29
CA SER A 240 -4.95 -29.82 -16.06
C SER A 240 -4.77 -28.33 -16.32
N GLY A 241 -4.39 -27.99 -17.55
CA GLY A 241 -4.25 -26.58 -17.94
C GLY A 241 -5.53 -25.78 -17.79
N ALA A 242 -6.69 -26.45 -17.86
CA ALA A 242 -7.97 -25.77 -17.60
C ALA A 242 -8.30 -25.57 -16.11
N CYS A 243 -7.60 -26.27 -15.23
CA CYS A 243 -7.84 -26.23 -13.79
C CYS A 243 -6.53 -26.51 -13.05
N PRO A 244 -5.55 -25.63 -13.25
CA PRO A 244 -4.22 -25.97 -12.70
C PRO A 244 -4.14 -26.01 -11.17
N TRP A 245 -5.15 -25.40 -10.51
CA TRP A 245 -5.29 -25.41 -9.03
C TRP A 245 -5.63 -26.79 -8.48
N ASP A 246 -6.22 -27.65 -9.32
CA ASP A 246 -6.87 -28.89 -8.84
C ASP A 246 -5.92 -30.08 -8.79
N TYR A 247 -5.35 -30.33 -7.62
CA TYR A 247 -4.40 -31.44 -7.45
C TYR A 247 -5.06 -32.80 -7.61
N ARG A 248 -6.40 -32.86 -7.48
CA ARG A 248 -7.13 -34.14 -7.63
C ARG A 248 -7.66 -34.37 -9.06
N HIS A 249 -7.38 -33.47 -9.99
CA HIS A 249 -7.95 -33.61 -11.34
C HIS A 249 -7.44 -34.91 -11.96
N PRO A 250 -8.35 -35.76 -12.45
CA PRO A 250 -7.88 -36.99 -13.09
C PRO A 250 -7.42 -36.71 -14.52
N GLY A 251 -6.44 -37.48 -14.96
CA GLY A 251 -5.96 -37.36 -16.32
C GLY A 251 -4.74 -38.23 -16.50
N ALA A 252 -4.56 -38.72 -17.73
CA ALA A 252 -3.35 -39.42 -18.07
C ALA A 252 -2.19 -38.46 -17.95
N VAL A 253 -1.01 -39.00 -17.66
CA VAL A 253 0.19 -38.19 -17.59
C VAL A 253 0.32 -37.50 -18.95
N CYS A 254 0.55 -36.20 -18.91
CA CYS A 254 0.75 -35.39 -20.12
C CYS A 254 1.73 -34.25 -19.82
N LEU A 255 2.98 -34.51 -20.16
CA LEU A 255 4.09 -33.58 -19.92
C LEU A 255 3.95 -32.25 -20.67
N ASP A 256 3.42 -32.30 -21.89
CA ASP A 256 3.29 -31.10 -22.70
C ASP A 256 2.28 -30.10 -22.14
N GLU A 257 1.26 -30.62 -21.46
CA GLU A 257 0.21 -29.78 -20.87
C GLU A 257 0.81 -28.87 -19.80
N GLN A 258 1.66 -29.46 -18.96
CA GLN A 258 2.39 -28.69 -17.97
C GLN A 258 3.26 -27.64 -18.65
N ALA A 259 3.99 -28.04 -19.68
CA ALA A 259 4.83 -27.09 -20.40
C ALA A 259 4.00 -25.95 -21.02
N ARG A 260 2.87 -26.30 -21.62
CA ARG A 260 1.97 -25.30 -22.22
C ARG A 260 1.49 -24.26 -21.17
N PHE A 261 1.24 -24.70 -19.93
CA PHE A 261 0.87 -23.75 -18.86
C PHE A 261 1.98 -22.72 -18.68
N TYR A 262 3.22 -23.18 -18.54
CA TYR A 262 4.35 -22.27 -18.33
C TYR A 262 4.58 -21.34 -19.52
N GLU A 263 4.43 -21.87 -20.72
CA GLU A 263 4.57 -21.05 -21.92
C GLU A 263 3.51 -19.94 -21.98
N ALA A 264 2.27 -20.29 -21.63
CA ALA A 264 1.18 -19.30 -21.59
C ALA A 264 1.41 -18.21 -20.55
N MET A 265 1.84 -18.63 -19.36
CA MET A 265 2.12 -17.67 -18.28
C MET A 265 3.26 -16.73 -18.64
N PHE A 266 4.36 -17.29 -19.11
CA PHE A 266 5.52 -16.47 -19.45
C PHE A 266 5.24 -15.55 -20.64
N ALA A 267 4.39 -15.98 -21.55
CA ALA A 267 4.02 -15.14 -22.68
C ALA A 267 3.27 -13.90 -22.21
N ALA A 268 2.36 -14.09 -21.25
CA ALA A 268 1.43 -13.06 -20.83
C ALA A 268 2.05 -12.06 -19.85
N MET A 269 2.89 -12.52 -18.92
CA MET A 269 3.34 -11.62 -17.87
C MET A 269 4.22 -10.53 -18.41
N PRO A 270 3.86 -9.26 -18.12
CA PRO A 270 4.65 -8.17 -18.67
C PRO A 270 5.94 -7.91 -17.94
N ASP A 271 6.84 -7.27 -18.66
CA ASP A 271 8.09 -6.80 -18.10
C ASP A 271 7.87 -5.38 -17.54
N GLU A 272 7.28 -5.32 -16.35
CA GLU A 272 6.93 -4.06 -15.70
C GLU A 272 7.35 -4.16 -14.25
N PRO A 273 7.74 -3.04 -13.64
CA PRO A 273 8.41 -3.12 -12.33
C PRO A 273 7.57 -3.58 -11.13
N TRP A 274 6.25 -3.47 -11.24
CA TRP A 274 5.36 -3.90 -10.17
C TRP A 274 5.38 -5.40 -9.96
N PHE A 275 5.70 -6.16 -11.02
CA PHE A 275 5.65 -7.63 -10.95
C PHE A 275 7.01 -8.17 -10.54
N LYS A 276 7.02 -8.90 -9.42
CA LYS A 276 8.28 -9.37 -8.85
C LYS A 276 8.56 -10.86 -8.95
N GLY A 277 7.74 -11.59 -9.71
CA GLY A 277 8.11 -12.93 -10.13
C GLY A 277 7.32 -14.10 -9.60
N TYR A 278 8.01 -15.24 -9.51
CA TYR A 278 7.37 -16.53 -9.45
C TYR A 278 7.96 -17.44 -8.38
N MET A 279 7.10 -17.95 -7.50
CA MET A 279 7.48 -19.01 -6.57
C MET A 279 6.73 -20.25 -7.03
N LEU A 280 7.43 -21.15 -7.69
CA LEU A 280 6.74 -22.27 -8.35
C LEU A 280 6.26 -23.34 -7.36
N TRP A 281 5.20 -24.04 -7.76
CA TRP A 281 4.62 -25.14 -6.99
C TRP A 281 4.80 -26.40 -7.84
N GLU A 282 5.54 -27.43 -7.42
CA GLU A 282 6.27 -27.53 -6.15
C GLU A 282 7.36 -28.58 -6.37
N TRP A 283 8.17 -28.78 -5.34
CA TRP A 283 9.31 -29.71 -5.38
C TRP A 283 9.21 -30.60 -4.13
N PRO A 284 9.23 -31.93 -4.33
CA PRO A 284 9.02 -32.85 -3.22
C PRO A 284 10.28 -33.05 -2.39
N TRP A 285 10.14 -33.41 -1.12
CA TRP A 285 11.33 -33.75 -0.30
C TRP A 285 11.96 -35.06 -0.76
N LYS A 286 11.14 -35.95 -1.32
CA LYS A 286 11.64 -37.19 -1.91
C LYS A 286 11.49 -37.09 -3.41
N LEU A 287 12.60 -36.82 -4.10
CA LEU A 287 12.56 -36.57 -5.55
C LEU A 287 12.70 -37.87 -6.36
N TYR A 288 11.80 -38.08 -7.31
CA TYR A 288 11.89 -39.19 -8.27
C TYR A 288 13.12 -38.97 -9.16
N PRO A 289 13.72 -40.07 -9.67
CA PRO A 289 14.82 -39.91 -10.66
C PRO A 289 14.33 -39.42 -12.03
N ARG A 290 15.16 -38.73 -12.80
CA ARG A 290 14.68 -38.27 -14.13
C ARG A 290 14.14 -39.41 -15.01
N GLU A 291 14.76 -40.60 -14.91
CA GLU A 291 14.28 -41.80 -15.65
C GLU A 291 12.80 -42.09 -15.42
N ALA A 292 12.22 -41.61 -14.31
CA ALA A 292 10.81 -41.90 -14.01
C ALA A 292 9.89 -40.70 -14.26
N ALA A 293 10.43 -39.62 -14.83
CA ALA A 293 9.70 -38.37 -14.94
C ALA A 293 8.53 -38.46 -15.92
N SER A 294 8.66 -39.27 -16.97
CA SER A 294 7.58 -39.41 -17.98
C SER A 294 6.35 -40.16 -17.46
N GLU A 295 6.45 -40.75 -16.28
CA GLU A 295 5.34 -41.44 -15.65
C GLU A 295 4.81 -40.67 -14.43
N ASP A 296 5.33 -39.47 -14.19
CA ASP A 296 4.95 -38.68 -13.01
C ASP A 296 3.92 -37.62 -13.43
N GLY A 297 2.75 -37.64 -12.78
CA GLY A 297 1.70 -36.67 -13.04
C GLY A 297 1.62 -35.52 -12.03
N SER A 298 2.66 -35.32 -11.22
CA SER A 298 2.61 -34.28 -10.18
C SER A 298 2.94 -32.87 -10.72
N TYR A 299 2.86 -31.89 -9.82
CA TYR A 299 3.28 -30.53 -10.12
C TYR A 299 4.79 -30.38 -10.37
N CYS A 300 5.60 -31.38 -10.03
CA CYS A 300 7.04 -31.18 -10.14
C CYS A 300 7.40 -31.13 -11.64
N ILE A 301 8.30 -30.21 -11.96
CA ILE A 301 8.80 -30.04 -13.35
C ILE A 301 10.09 -30.81 -13.63
N TYR A 302 10.72 -31.36 -12.60
CA TYR A 302 12.03 -32.03 -12.73
C TYR A 302 11.95 -33.18 -13.74
N GLY A 303 12.87 -33.19 -14.70
CA GLY A 303 12.91 -34.27 -15.74
C GLY A 303 11.86 -34.17 -16.83
N LYS A 304 11.10 -33.09 -16.84
CA LYS A 304 10.01 -32.89 -17.79
C LYS A 304 10.32 -31.69 -18.69
N PRO A 305 9.61 -31.56 -19.83
CA PRO A 305 9.87 -30.40 -20.70
C PRO A 305 9.72 -29.03 -20.00
N ALA A 306 8.83 -28.94 -19.00
CA ALA A 306 8.66 -27.69 -18.24
C ALA A 306 9.96 -27.25 -17.55
N GLU A 307 10.79 -28.22 -17.16
CA GLU A 307 12.11 -27.92 -16.55
C GLU A 307 12.88 -26.99 -17.49
N ASP A 308 12.90 -27.32 -18.77
CA ASP A 308 13.66 -26.56 -19.77
C ASP A 308 12.98 -25.23 -20.10
N VAL A 309 11.65 -25.23 -20.16
CA VAL A 309 10.90 -24.00 -20.35
C VAL A 309 11.20 -23.00 -19.23
N VAL A 310 11.13 -23.46 -17.99
CA VAL A 310 11.41 -22.58 -16.85
C VAL A 310 12.89 -22.20 -16.80
N ALA A 311 13.79 -23.18 -16.96
CA ALA A 311 15.22 -22.84 -16.90
C ALA A 311 15.59 -21.83 -17.99
N ARG A 312 15.06 -22.02 -19.21
CA ARG A 312 15.34 -21.03 -20.26
C ARG A 312 14.83 -19.66 -19.83
N ALA A 313 13.62 -19.60 -19.29
CA ALA A 313 13.04 -18.30 -18.88
C ALA A 313 13.81 -17.64 -17.72
N PHE A 314 14.16 -18.45 -16.73
CA PHE A 314 14.79 -17.96 -15.52
C PHE A 314 16.27 -17.61 -15.72
N SER A 315 16.96 -18.37 -16.56
CA SER A 315 18.33 -18.02 -16.94
C SER A 315 18.40 -16.70 -17.69
N ALA A 316 17.43 -16.47 -18.57
CA ALA A 316 17.38 -15.22 -19.33
C ALA A 316 17.14 -14.02 -18.41
N ILE A 317 16.35 -14.22 -17.36
CA ILE A 317 16.03 -13.16 -16.40
C ILE A 317 17.29 -12.90 -15.57
N ALA A 318 17.96 -13.97 -15.18
CA ALA A 318 19.16 -13.86 -14.36
C ALA A 318 20.30 -13.15 -15.10
N ASN A 319 20.33 -13.30 -16.43
CA ASN A 319 21.44 -12.83 -17.29
C ASN A 319 21.04 -11.66 -18.21
N GLU B 5 -16.50 37.33 4.52
CA GLU B 5 -16.75 36.32 3.45
C GLU B 5 -17.02 34.93 4.03
N SER B 6 -18.29 34.54 3.96
CA SER B 6 -18.75 33.15 4.18
C SER B 6 -18.09 32.32 3.10
N ALA B 7 -18.23 30.99 3.15
CA ALA B 7 -17.64 30.16 2.10
C ALA B 7 -18.26 30.44 0.73
N PHE B 8 -19.55 30.75 0.71
CA PHE B 8 -20.23 31.02 -0.54
C PHE B 8 -19.78 32.33 -1.18
N ASP B 9 -19.43 33.32 -0.35
CA ASP B 9 -18.96 34.64 -0.79
C ASP B 9 -17.51 34.63 -1.29
N LEU B 10 -16.76 33.58 -0.93
CA LEU B 10 -15.34 33.52 -1.20
C LEU B 10 -15.03 33.68 -2.69
N GLY B 11 -14.11 34.58 -3.00
CA GLY B 11 -13.59 34.70 -4.34
C GLY B 11 -12.90 33.42 -4.79
N PHE B 12 -13.04 33.11 -6.07
CA PHE B 12 -12.45 31.94 -6.70
C PHE B 12 -10.96 31.82 -6.34
N ILE B 13 -10.55 30.65 -5.90
CA ILE B 13 -9.17 30.41 -5.39
C ILE B 13 -8.18 30.07 -6.51
N ARG B 14 -7.11 30.86 -6.58
CA ARG B 14 -5.99 30.65 -7.48
C ARG B 14 -4.77 30.59 -6.57
N GLY B 15 -4.48 29.38 -6.10
CA GLY B 15 -3.56 29.22 -4.97
C GLY B 15 -2.41 28.29 -5.23
N MET B 16 -1.47 28.32 -4.29
CA MET B 16 -0.26 27.50 -4.33
C MET B 16 0.13 27.13 -2.91
N THR B 17 0.52 25.88 -2.70
CA THR B 17 1.03 25.43 -1.42
C THR B 17 2.51 25.69 -1.36
N PHE B 18 2.97 26.20 -0.22
CA PHE B 18 4.35 26.60 0.00
C PHE B 18 4.97 25.85 1.18
N GLY B 19 6.20 25.38 1.01
CA GLY B 19 7.10 25.16 2.14
C GLY B 19 7.07 23.82 2.80
N PHE B 20 6.31 22.87 2.24
CA PHE B 20 6.22 21.52 2.83
C PHE B 20 7.60 20.88 2.75
N VAL B 21 8.04 20.12 3.75
CA VAL B 21 7.28 19.65 4.92
C VAL B 21 7.37 20.58 6.15
N GLY B 22 7.91 21.79 6.00
CA GLY B 22 8.03 22.71 7.12
C GLY B 22 8.96 22.24 8.21
N GLN B 23 10.13 21.75 7.82
CA GLN B 23 11.18 21.42 8.79
C GLN B 23 11.67 22.68 9.55
N HIS B 24 11.98 22.49 10.82
CA HIS B 24 12.40 23.56 11.69
C HIS B 24 13.51 24.40 11.07
N GLY B 25 13.35 25.71 11.11
CA GLY B 25 14.35 26.66 10.62
C GLY B 25 14.32 26.99 9.14
N THR B 26 13.63 26.19 8.33
CA THR B 26 13.62 26.39 6.87
C THR B 26 12.85 27.64 6.39
N TRP B 27 11.78 28.00 7.08
CA TRP B 27 10.98 29.19 6.67
C TRP B 27 11.58 30.49 7.16
N GLY B 28 12.51 30.42 8.12
CA GLY B 28 13.12 31.62 8.65
C GLY B 28 14.35 32.06 7.87
N THR B 29 14.56 31.48 6.71
CA THR B 29 15.76 31.74 5.90
C THR B 29 15.46 32.85 4.87
N ASP B 30 16.51 33.52 4.41
CA ASP B 30 16.35 34.44 3.28
C ASP B 30 15.88 33.70 2.01
N GLU B 31 16.27 32.43 1.88
CA GLU B 31 15.87 31.61 0.73
C GLU B 31 14.35 31.45 0.69
N ALA B 32 13.74 31.24 1.85
CA ALA B 32 12.29 31.09 1.93
C ALA B 32 11.57 32.38 1.54
N ARG B 33 12.12 33.50 2.01
CA ARG B 33 11.57 34.80 1.70
C ARG B 33 11.59 35.07 0.18
N ALA B 34 12.70 34.75 -0.46
CA ALA B 34 12.85 34.96 -1.90
C ALA B 34 11.91 34.08 -2.66
N SER B 35 11.75 32.84 -2.18
CA SER B 35 10.83 31.91 -2.82
C SER B 35 9.38 32.41 -2.74
N MET B 36 8.99 32.89 -1.56
CA MET B 36 7.65 33.45 -1.39
C MET B 36 7.44 34.67 -2.29
N ARG B 37 8.44 35.55 -2.43
CA ARG B 37 8.31 36.70 -3.32
C ARG B 37 8.08 36.23 -4.75
N ALA B 38 8.79 35.21 -5.19
CA ALA B 38 8.58 34.66 -6.53
C ALA B 38 7.17 34.09 -6.70
N LEU B 39 6.68 33.43 -5.65
CA LEU B 39 5.34 32.86 -5.67
C LEU B 39 4.33 33.97 -5.93
N ALA B 40 4.49 35.09 -5.22
CA ALA B 40 3.51 36.20 -5.29
C ALA B 40 3.57 36.94 -6.61
N GLU B 41 4.63 36.75 -7.40
CA GLU B 41 4.69 37.34 -8.75
C GLU B 41 3.84 36.55 -9.75
N GLN B 42 3.44 35.33 -9.40
CA GLN B 42 2.48 34.58 -10.19
C GLN B 42 1.07 35.09 -9.97
N PRO B 43 0.11 34.72 -10.86
CA PRO B 43 -1.25 35.22 -10.70
C PRO B 43 -2.06 34.41 -9.67
N PHE B 44 -1.55 34.36 -8.44
CA PHE B 44 -2.16 33.71 -7.31
C PHE B 44 -2.75 34.73 -6.33
N ASN B 45 -3.88 34.36 -5.72
CA ASN B 45 -4.51 35.17 -4.67
C ASN B 45 -4.45 34.50 -3.31
N TRP B 46 -4.03 33.22 -3.30
CA TRP B 46 -3.87 32.43 -2.08
C TRP B 46 -2.52 31.68 -2.04
N VAL B 47 -2.02 31.50 -0.82
CA VAL B 47 -0.94 30.54 -0.54
C VAL B 47 -1.37 29.67 0.63
N THR B 48 -0.97 28.41 0.63
CA THR B 48 -1.17 27.55 1.78
C THR B 48 0.20 27.28 2.41
N LEU B 49 0.30 27.52 3.70
CA LEU B 49 1.51 27.17 4.45
C LEU B 49 1.27 25.79 5.05
N ALA B 50 1.98 24.81 4.50
CA ALA B 50 1.80 23.41 4.85
C ALA B 50 3.04 22.87 5.55
N PHE B 51 2.83 22.15 6.63
CA PHE B 51 3.93 21.49 7.35
C PHE B 51 3.42 20.22 8.02
N ALA B 52 4.35 19.33 8.37
CA ALA B 52 4.02 18.02 8.96
C ALA B 52 4.67 17.76 10.30
N GLY B 53 3.81 17.45 11.28
CA GLY B 53 4.24 16.77 12.49
C GLY B 53 4.54 15.33 12.15
N LEU B 54 5.30 14.67 13.00
CA LEU B 54 5.82 13.33 12.71
C LEU B 54 5.36 12.26 13.72
N MET B 55 4.90 11.15 13.15
CA MET B 55 4.66 9.91 13.85
C MET B 55 5.81 8.97 13.47
N GLU B 56 6.22 8.08 14.35
CA GLU B 56 7.30 7.15 14.00
C GLU B 56 6.84 6.11 12.96
N HIS B 57 5.60 5.71 13.12
CA HIS B 57 5.03 4.64 12.30
CA HIS B 57 5.02 4.57 12.40
C HIS B 57 3.51 4.81 12.30
N PRO B 58 2.81 4.03 11.47
CA PRO B 58 1.36 4.31 11.32
C PRO B 58 0.45 3.96 12.49
N GLY B 59 0.98 3.25 13.49
CA GLY B 59 0.31 2.99 14.74
C GLY B 59 0.87 3.71 15.96
N ASP B 60 1.53 4.85 15.75
CA ASP B 60 2.11 5.65 16.83
C ASP B 60 1.03 6.66 17.27
N PRO B 61 0.57 6.60 18.54
CA PRO B 61 -0.41 7.58 18.99
C PRO B 61 0.15 8.98 19.28
N ALA B 62 1.47 9.11 19.24
CA ALA B 62 2.14 10.37 19.48
C ALA B 62 2.53 11.06 18.18
N ILE B 63 2.39 12.38 18.18
CA ILE B 63 2.75 13.21 17.04
C ILE B 63 3.76 14.24 17.54
N ALA B 64 4.95 14.25 16.93
CA ALA B 64 5.98 15.23 17.25
C ALA B 64 5.83 16.48 16.39
N TYR B 65 5.68 17.64 17.03
CA TYR B 65 5.58 18.92 16.31
C TYR B 65 6.15 20.04 17.16
N GLY B 66 6.24 21.23 16.58
CA GLY B 66 7.02 22.31 17.16
C GLY B 66 8.51 22.04 16.97
N PRO B 67 9.36 23.04 17.27
CA PRO B 67 10.80 22.86 17.27
C PRO B 67 11.15 21.77 18.27
N PRO B 68 12.15 20.95 17.94
CA PRO B 68 13.05 21.02 16.77
C PRO B 68 12.60 20.30 15.50
N VAL B 69 11.36 19.80 15.49
CA VAL B 69 10.86 19.00 14.36
C VAL B 69 10.34 19.95 13.26
N THR B 70 9.36 20.77 13.61
CA THR B 70 8.71 21.65 12.65
C THR B 70 9.16 23.07 12.78
N VAL B 71 8.80 23.86 11.78
CA VAL B 71 8.86 25.31 11.86
C VAL B 71 8.26 25.79 13.18
N SER B 72 8.84 26.84 13.76
CA SER B 72 8.29 27.46 14.94
C SER B 72 7.06 28.28 14.61
N ASP B 73 6.31 28.59 15.65
CA ASP B 73 5.16 29.51 15.56
C ASP B 73 5.63 30.85 14.99
N ASP B 74 6.84 31.33 15.37
CA ASP B 74 7.36 32.59 14.82
C ASP B 74 7.68 32.48 13.33
N GLU B 75 8.19 31.33 12.89
CA GLU B 75 8.45 31.09 11.45
C GLU B 75 7.15 31.09 10.66
N ILE B 76 6.12 30.45 11.21
CA ILE B 76 4.80 30.45 10.57
C ILE B 76 4.29 31.90 10.43
N ALA B 77 4.35 32.65 11.54
CA ALA B 77 3.93 34.05 11.54
C ALA B 77 4.74 34.87 10.54
N SER B 78 6.04 34.61 10.42
CA SER B 78 6.86 35.36 9.47
CA SER B 78 6.92 35.30 9.48
C SER B 78 6.43 35.13 8.02
N MET B 79 6.15 33.90 7.67
CA MET B 79 5.68 33.60 6.33
C MET B 79 4.27 34.13 6.11
N ALA B 80 3.39 34.04 7.10
CA ALA B 80 2.00 34.59 6.95
C ALA B 80 2.06 36.10 6.77
N GLU B 81 2.92 36.76 7.53
CA GLU B 81 3.03 38.22 7.43
C GLU B 81 3.62 38.62 6.07
N LEU B 82 4.62 37.88 5.59
CA LEU B 82 5.18 38.14 4.29
C LEU B 82 4.13 37.92 3.19
N ALA B 83 3.45 36.79 3.24
CA ALA B 83 2.42 36.50 2.24
C ALA B 83 1.34 37.59 2.22
N HIS B 84 0.86 37.98 3.38
CA HIS B 84 -0.15 39.01 3.51
C HIS B 84 0.36 40.36 2.95
N ALA B 85 1.62 40.67 3.22
CA ALA B 85 2.22 41.93 2.76
C ALA B 85 2.39 41.96 1.25
N LEU B 86 2.43 40.78 0.63
CA LEU B 86 2.50 40.60 -0.83
C LEU B 86 1.12 40.47 -1.49
N GLY B 87 0.05 40.59 -0.72
CA GLY B 87 -1.32 40.63 -1.28
C GLY B 87 -2.02 39.31 -1.31
N LEU B 88 -1.45 38.28 -0.68
CA LEU B 88 -2.04 36.96 -0.68
C LEU B 88 -2.93 36.71 0.56
N LYS B 89 -3.97 35.91 0.38
CA LYS B 89 -4.67 35.26 1.49
C LYS B 89 -3.93 33.99 1.86
N VAL B 90 -4.03 33.59 3.12
CA VAL B 90 -3.22 32.49 3.66
C VAL B 90 -4.10 31.39 4.30
N CYS B 91 -3.89 30.15 3.84
CA CYS B 91 -4.46 28.99 4.52
C CYS B 91 -3.35 28.31 5.33
N LEU B 92 -3.60 27.98 6.59
CA LEU B 92 -2.68 27.17 7.39
C LEU B 92 -3.10 25.71 7.39
N LYS B 93 -2.12 24.84 7.09
CA LYS B 93 -2.34 23.39 6.91
C LYS B 93 -1.32 22.56 7.66
N PRO B 94 -1.57 22.35 8.96
CA PRO B 94 -0.79 21.34 9.68
C PRO B 94 -1.26 19.96 9.24
N THR B 95 -0.34 19.04 9.07
CA THR B 95 -0.72 17.64 8.89
C THR B 95 0.32 16.75 9.55
N VAL B 96 0.25 15.46 9.25
CA VAL B 96 1.11 14.43 9.88
C VAL B 96 1.74 13.52 8.81
N ASN B 97 3.01 13.18 8.99
CA ASN B 97 3.70 12.20 8.17
C ASN B 97 4.26 11.15 9.11
N CYS B 98 4.59 10.00 8.53
CA CYS B 98 5.22 8.91 9.27
C CYS B 98 6.71 8.82 8.91
N ARG B 99 7.55 8.71 9.93
CA ARG B 99 8.99 8.64 9.70
C ARG B 99 9.41 7.43 8.84
N ASP B 100 8.65 6.36 8.93
CA ASP B 100 8.93 5.14 8.18
C ASP B 100 8.45 5.21 6.73
N GLY B 101 7.83 6.33 6.34
CA GLY B 101 7.43 6.50 4.95
C GLY B 101 5.99 6.13 4.64
N THR B 102 5.28 5.57 5.61
CA THR B 102 3.88 5.19 5.42
C THR B 102 3.04 6.46 5.19
N TRP B 103 2.19 6.42 4.17
CA TRP B 103 1.24 7.46 3.91
C TRP B 103 0.26 7.63 5.08
N ARG B 104 0.00 8.87 5.44
CA ARG B 104 -0.94 9.18 6.52
C ARG B 104 -2.37 8.64 6.30
N GLY B 105 -2.73 8.37 5.06
CA GLY B 105 -4.02 7.76 4.73
C GLY B 105 -4.14 6.28 5.11
N GLU B 106 -3.03 5.70 5.59
CA GLU B 106 -2.97 4.30 6.05
C GLU B 106 -2.59 4.15 7.54
N ILE B 107 -2.78 5.22 8.32
CA ILE B 107 -2.65 5.15 9.78
C ILE B 107 -3.66 4.13 10.31
N ARG B 108 -3.24 3.29 11.26
CA ARG B 108 -4.05 2.16 11.76
C ARG B 108 -3.76 1.91 13.24
N PHE B 109 -4.79 1.72 14.05
CA PHE B 109 -4.63 1.31 15.44
C PHE B 109 -5.49 0.10 15.69
N GLU B 110 -4.99 -0.84 16.47
CA GLU B 110 -5.71 -2.08 16.76
C GLU B 110 -6.84 -1.94 17.79
N LYS B 111 -6.89 -0.80 18.48
CA LYS B 111 -7.96 -0.51 19.45
C LYS B 111 -8.58 0.83 19.12
N GLU B 112 -9.88 0.93 19.34
CA GLU B 112 -10.60 2.17 19.19
C GLU B 112 -10.34 3.06 20.40
N HIS B 113 -10.38 2.46 21.60
CA HIS B 113 -10.38 3.24 22.84
C HIS B 113 -9.21 2.92 23.78
N GLY B 114 -8.95 3.86 24.69
CA GLY B 114 -7.84 3.77 25.66
C GLY B 114 -6.83 4.91 25.54
N PRO B 115 -7.01 6.02 26.30
CA PRO B 115 -6.07 7.15 26.15
C PRO B 115 -4.57 6.80 26.35
N ASP B 116 -4.28 5.78 27.16
CA ASP B 116 -2.91 5.39 27.47
C ASP B 116 -2.38 4.20 26.64
N LEU B 117 -3.17 3.78 25.65
CA LEU B 117 -2.82 2.67 24.77
C LEU B 117 -2.55 3.16 23.34
N GLU B 118 -2.25 2.22 22.46
CA GLU B 118 -2.11 2.53 21.04
CA GLU B 118 -2.11 2.45 21.03
C GLU B 118 -3.52 2.39 20.39
N SER B 119 -4.29 3.45 20.57
CA SER B 119 -5.68 3.50 20.20
C SER B 119 -6.00 4.73 19.37
N TRP B 120 -7.08 4.63 18.61
CA TRP B 120 -7.60 5.78 17.88
C TRP B 120 -7.90 6.94 18.84
N GLU B 121 -8.46 6.63 20.01
CA GLU B 121 -8.78 7.67 21.00
C GLU B 121 -7.51 8.44 21.41
N ALA B 122 -6.46 7.69 21.69
CA ALA B 122 -5.19 8.31 22.07
C ALA B 122 -4.61 9.19 20.95
N TRP B 123 -4.60 8.65 19.74
CA TRP B 123 -4.09 9.36 18.57
C TRP B 123 -4.89 10.65 18.32
N PHE B 124 -6.21 10.55 18.40
CA PHE B 124 -7.05 11.75 18.21
C PHE B 124 -6.82 12.75 19.30
N GLY B 125 -6.53 12.28 20.53
CA GLY B 125 -6.15 13.23 21.61
C GLY B 125 -4.93 14.05 21.19
N SER B 126 -3.92 13.35 20.65
CA SER B 126 -2.69 14.03 20.19
C SER B 126 -2.99 14.96 19.01
N TYR B 127 -3.75 14.45 18.05
CA TYR B 127 -4.10 15.23 16.86
C TYR B 127 -4.93 16.47 17.21
N SER B 128 -5.90 16.32 18.11
CA SER B 128 -6.72 17.44 18.53
C SER B 128 -5.90 18.53 19.23
N ASP B 129 -4.99 18.15 20.14
CA ASP B 129 -4.08 19.12 20.76
C ASP B 129 -3.24 19.86 19.69
N MET B 130 -2.78 19.12 18.68
CA MET B 130 -1.99 19.74 17.64
C MET B 130 -2.84 20.76 16.85
N MET B 131 -4.05 20.36 16.45
CA MET B 131 -4.89 21.24 15.62
C MET B 131 -5.36 22.46 16.43
N ALA B 132 -5.68 22.25 17.71
CA ALA B 132 -6.01 23.38 18.60
C ALA B 132 -4.87 24.40 18.67
N HIS B 133 -3.65 23.93 18.88
CA HIS B 133 -2.52 24.81 18.93
C HIS B 133 -2.37 25.65 17.65
N TYR B 134 -2.41 24.99 16.49
CA TYR B 134 -2.20 25.72 15.23
C TYR B 134 -3.42 26.50 14.80
N ALA B 135 -4.60 26.11 15.27
CA ALA B 135 -5.81 26.94 15.03
C ALA B 135 -5.61 28.32 15.68
N HIS B 136 -5.01 28.32 16.87
CA HIS B 136 -4.73 29.55 17.59
C HIS B 136 -3.70 30.36 16.84
N VAL B 137 -2.64 29.69 16.36
CA VAL B 137 -1.65 30.39 15.53
C VAL B 137 -2.30 31.03 14.29
N ALA B 138 -3.19 30.28 13.64
CA ALA B 138 -3.93 30.81 12.48
C ALA B 138 -4.75 32.05 12.80
N LYS B 139 -5.40 32.06 13.95
CA LYS B 139 -6.16 33.26 14.38
C LYS B 139 -5.23 34.44 14.66
N ARG B 140 -4.18 34.19 15.41
CA ARG B 140 -3.25 35.23 15.81
C ARG B 140 -2.56 35.92 14.60
N THR B 141 -2.32 35.15 13.53
CA THR B 141 -1.60 35.61 12.34
C THR B 141 -2.56 36.05 11.24
N GLY B 142 -3.88 35.99 11.49
CA GLY B 142 -4.89 36.46 10.53
C GLY B 142 -5.03 35.60 9.28
N CYS B 143 -4.70 34.33 9.40
CA CYS B 143 -4.94 33.38 8.32
C CYS B 143 -6.44 33.31 8.00
N GLU B 144 -6.74 33.39 6.71
CA GLU B 144 -8.10 33.42 6.21
C GLU B 144 -8.76 32.03 6.08
N MET B 145 -7.95 30.97 6.14
CA MET B 145 -8.47 29.62 6.15
C MET B 145 -7.58 28.72 7.01
N PHE B 146 -8.21 27.71 7.60
CA PHE B 146 -7.50 26.65 8.32
C PHE B 146 -7.95 25.28 7.78
N CYS B 147 -7.01 24.42 7.48
CA CYS B 147 -7.29 23.05 7.00
C CYS B 147 -7.07 22.03 8.15
N VAL B 148 -8.15 21.36 8.58
CA VAL B 148 -8.12 20.52 9.78
CA VAL B 148 -8.13 20.49 9.77
C VAL B 148 -7.63 19.07 9.53
N GLY B 149 -7.44 18.70 8.29
CA GLY B 149 -6.89 17.40 7.97
C GLY B 149 -6.64 17.23 6.49
N CYS B 150 -5.82 16.24 6.17
CA CYS B 150 -5.40 15.99 4.79
C CYS B 150 -5.24 14.52 4.52
N GLU B 151 -6.07 13.99 3.63
CA GLU B 151 -5.93 12.60 3.11
C GLU B 151 -6.00 11.51 4.17
N MET B 152 -6.77 11.73 5.23
CA MET B 152 -6.80 10.80 6.36
C MET B 152 -7.84 9.70 6.15
N THR B 153 -7.68 8.93 5.08
CA THR B 153 -8.67 7.97 4.67
C THR B 153 -9.08 7.00 5.78
N THR B 154 -8.11 6.42 6.47
CA THR B 154 -8.42 5.47 7.53
C THR B 154 -9.04 6.14 8.78
N ALA B 155 -8.74 7.41 8.99
CA ALA B 155 -9.26 8.14 10.13
C ALA B 155 -10.69 8.60 9.94
N GLU B 156 -11.07 8.79 8.69
CA GLU B 156 -12.39 9.39 8.34
C GLU B 156 -13.64 8.72 8.92
N PRO B 157 -13.67 7.36 9.00
CA PRO B 157 -14.85 6.69 9.61
C PRO B 157 -15.10 7.02 11.09
N HIS B 158 -14.08 7.54 11.77
CA HIS B 158 -14.19 7.92 13.18
C HIS B 158 -14.81 9.31 13.22
N GLU B 159 -16.08 9.34 12.83
CA GLU B 159 -16.79 10.59 12.62
CA GLU B 159 -16.86 10.59 12.66
C GLU B 159 -16.91 11.42 13.91
N ALA B 160 -17.26 10.77 15.02
CA ALA B 160 -17.44 11.47 16.29
C ALA B 160 -16.15 12.13 16.72
N MET B 161 -15.05 11.41 16.56
CA MET B 161 -13.74 11.97 16.89
C MET B 161 -13.37 13.15 15.98
N TRP B 162 -13.69 13.06 14.70
CA TRP B 162 -13.46 14.20 13.81
C TRP B 162 -14.30 15.39 14.24
N ARG B 163 -15.55 15.15 14.63
CA ARG B 163 -16.42 16.25 15.06
C ARG B 163 -15.91 16.94 16.33
N GLU B 164 -15.38 16.16 17.28
CA GLU B 164 -14.76 16.72 18.48
C GLU B 164 -13.57 17.62 18.12
N THR B 165 -12.72 17.13 17.22
CA THR B 165 -11.56 17.87 16.76
C THR B 165 -11.95 19.21 16.11
N ILE B 166 -12.93 19.14 15.21
CA ILE B 166 -13.37 20.33 14.52
C ILE B 166 -14.01 21.33 15.50
N ALA B 167 -14.84 20.84 16.43
CA ALA B 167 -15.46 21.74 17.39
C ALA B 167 -14.39 22.47 18.19
N ARG B 168 -13.33 21.76 18.56
CA ARG B 168 -12.27 22.39 19.30
C ARG B 168 -11.55 23.48 18.48
N VAL B 169 -11.31 23.19 17.20
CA VAL B 169 -10.77 24.18 16.26
C VAL B 169 -11.64 25.44 16.23
N ARG B 170 -12.96 25.27 16.17
CA ARG B 170 -13.91 26.41 16.16
C ARG B 170 -13.78 27.28 17.42
N THR B 171 -13.44 26.70 18.58
CA THR B 171 -13.26 27.52 19.79
C THR B 171 -12.02 28.39 19.72
N GLU B 172 -11.03 27.99 18.91
CA GLU B 172 -9.76 28.69 18.75
C GLU B 172 -9.67 29.58 17.52
N TYR B 173 -10.54 29.38 16.54
CA TYR B 173 -10.35 29.98 15.23
C TYR B 173 -11.68 30.30 14.57
N ASP B 174 -11.83 31.54 14.11
CA ASP B 174 -13.11 32.10 13.64
CA ASP B 174 -13.16 31.96 13.63
C ASP B 174 -13.22 32.24 12.13
N GLY B 175 -12.21 31.79 11.39
CA GLY B 175 -12.22 31.89 9.94
C GLY B 175 -12.82 30.65 9.26
N LEU B 176 -12.57 30.56 7.95
CA LEU B 176 -13.01 29.43 7.15
C LEU B 176 -12.24 28.15 7.48
N VAL B 177 -12.99 27.05 7.58
CA VAL B 177 -12.39 25.78 7.91
C VAL B 177 -12.73 24.79 6.80
N THR B 178 -11.73 24.06 6.34
CA THR B 178 -11.92 22.97 5.40
C THR B 178 -11.28 21.68 5.96
N TYR B 179 -11.74 20.56 5.43
CA TYR B 179 -11.06 19.27 5.53
C TYR B 179 -10.75 18.82 4.10
N ASN B 180 -9.51 18.33 3.92
CA ASN B 180 -8.95 17.97 2.61
C ASN B 180 -8.91 16.42 2.52
N CYS B 181 -9.87 15.83 1.80
CA CYS B 181 -9.86 14.35 1.60
C CYS B 181 -9.02 13.98 0.40
N ASN B 182 -8.73 12.69 0.27
CA ASN B 182 -8.04 12.19 -0.89
C ASN B 182 -8.99 12.13 -2.10
N HIS B 183 -8.43 12.17 -3.29
CA HIS B 183 -9.25 11.92 -4.46
C HIS B 183 -9.92 10.56 -4.30
N GLY B 184 -11.15 10.48 -4.77
CA GLY B 184 -11.95 9.28 -4.62
C GLY B 184 -12.66 9.14 -3.27
N ARG B 185 -12.44 10.10 -2.35
CA ARG B 185 -13.06 10.10 -1.04
C ARG B 185 -14.11 11.16 -0.86
N GLU B 186 -14.29 12.03 -1.87
CA GLU B 186 -15.21 13.15 -1.74
C GLU B 186 -16.61 12.70 -1.33
N GLU B 187 -17.08 11.61 -1.93
CA GLU B 187 -18.42 11.11 -1.68
C GLU B 187 -18.53 10.21 -0.44
N HIS B 188 -17.38 9.87 0.17
CA HIS B 188 -17.36 8.93 1.30
C HIS B 188 -17.27 9.56 2.70
N VAL B 189 -16.81 10.80 2.77
CA VAL B 189 -16.70 11.53 4.04
C VAL B 189 -18.08 11.87 4.59
N ARG B 190 -18.31 11.58 5.87
CA ARG B 190 -19.66 11.69 6.44
C ARG B 190 -19.83 12.90 7.35
N PHE B 191 -18.81 13.75 7.46
CA PHE B 191 -18.84 14.93 8.36
C PHE B 191 -18.64 16.25 7.63
N TRP B 192 -18.99 16.29 6.35
CA TRP B 192 -18.80 17.53 5.57
C TRP B 192 -19.61 18.69 6.13
N ASP B 193 -20.73 18.37 6.79
CA ASP B 193 -21.56 19.41 7.42
C ASP B 193 -20.83 20.20 8.51
N ALA B 194 -19.77 19.63 9.08
CA ALA B 194 -19.02 20.26 10.14
C ALA B 194 -17.97 21.25 9.65
N VAL B 195 -17.73 21.33 8.34
CA VAL B 195 -16.75 22.28 7.80
C VAL B 195 -17.44 23.27 6.86
N ASP B 196 -16.72 24.32 6.46
CA ASP B 196 -17.28 25.36 5.59
C ASP B 196 -17.13 25.06 4.12
N LEU B 197 -16.03 24.40 3.75
CA LEU B 197 -15.69 24.08 2.36
C LEU B 197 -15.25 22.65 2.30
N ILE B 198 -15.72 21.95 1.27
CA ILE B 198 -15.29 20.61 0.96
C ILE B 198 -14.04 20.77 0.13
N SER B 199 -12.96 20.03 0.44
CA SER B 199 -11.80 20.06 -0.46
C SER B 199 -11.16 18.69 -0.63
N SER B 200 -10.44 18.53 -1.73
CA SER B 200 -9.80 17.26 -2.00
C SER B 200 -8.44 17.41 -2.64
N SER B 201 -7.68 16.32 -2.53
CA SER B 201 -6.40 16.14 -3.18
C SER B 201 -6.67 15.52 -4.55
N ALA B 202 -6.95 16.39 -5.51
CA ALA B 202 -7.59 16.01 -6.76
C ALA B 202 -6.58 15.56 -7.83
N TYR B 203 -5.81 14.53 -7.48
CA TYR B 203 -4.79 13.97 -8.35
C TYR B 203 -5.43 12.99 -9.32
N TYR B 204 -6.34 13.48 -10.15
CA TYR B 204 -7.01 12.61 -11.12
C TYR B 204 -6.14 12.42 -12.36
N PRO B 205 -6.00 11.17 -12.83
CA PRO B 205 -5.27 10.95 -14.06
C PRO B 205 -5.86 11.74 -15.23
N ILE B 206 -5.01 12.08 -16.18
CA ILE B 206 -5.38 12.93 -17.32
C ILE B 206 -6.71 12.43 -17.95
N ASP B 207 -6.83 11.12 -18.14
CA ASP B 207 -8.02 10.50 -18.75
C ASP B 207 -9.27 10.36 -17.86
N ARG B 208 -9.20 10.72 -16.58
CA ARG B 208 -10.30 10.52 -15.62
C ARG B 208 -11.09 11.79 -15.29
N TRP B 209 -10.57 12.94 -15.70
CA TRP B 209 -11.13 14.23 -15.29
C TRP B 209 -12.55 14.41 -15.78
N ARG B 210 -12.74 14.28 -17.09
CA ARG B 210 -14.06 14.48 -17.68
C ARG B 210 -15.11 13.65 -16.94
N ASP B 211 -14.79 12.40 -16.67
CA ASP B 211 -15.76 11.50 -16.03
C ASP B 211 -15.98 11.73 -14.52
N ARG B 212 -15.03 12.35 -13.85
CA ARG B 212 -15.15 12.59 -12.42
C ARG B 212 -15.95 13.85 -12.05
N VAL B 213 -16.01 14.82 -12.97
CA VAL B 213 -16.68 16.08 -12.70
C VAL B 213 -18.10 15.89 -12.20
N PRO B 214 -18.90 14.99 -12.83
CA PRO B 214 -20.26 14.82 -12.35
C PRO B 214 -20.38 14.42 -10.89
N VAL B 215 -19.47 13.61 -10.37
CA VAL B 215 -19.54 13.22 -8.96
C VAL B 215 -19.15 14.38 -8.07
N LEU B 216 -18.13 15.14 -8.47
CA LEU B 216 -17.71 16.33 -7.69
C LEU B 216 -18.88 17.30 -7.56
N ARG B 217 -19.53 17.59 -8.70
CA ARG B 217 -20.71 18.46 -8.72
C ARG B 217 -21.83 17.93 -7.80
N GLU B 218 -22.10 16.64 -7.89
CA GLU B 218 -23.12 15.98 -7.07
C GLU B 218 -22.78 16.03 -5.56
N VAL B 219 -21.50 15.87 -5.21
CA VAL B 219 -21.08 15.99 -3.80
C VAL B 219 -21.33 17.39 -3.23
N ALA B 220 -21.00 18.43 -4.00
CA ALA B 220 -21.19 19.80 -3.56
C ALA B 220 -22.68 20.08 -3.33
N GLU B 221 -23.47 19.66 -4.30
CA GLU B 221 -24.91 19.92 -4.30
C GLU B 221 -25.56 19.10 -3.20
N ALA B 222 -25.11 17.85 -3.02
CA ALA B 222 -25.70 16.98 -1.98
C ALA B 222 -25.48 17.52 -0.58
N HIS B 223 -24.31 18.09 -0.36
CA HIS B 223 -23.96 18.59 0.97
C HIS B 223 -24.17 20.08 1.11
N GLU B 224 -24.60 20.74 0.04
CA GLU B 224 -24.88 22.19 0.10
C GLU B 224 -23.64 22.95 0.59
N LYS B 225 -22.47 22.58 0.08
CA LYS B 225 -21.21 23.31 0.34
C LYS B 225 -20.47 23.55 -0.94
N PRO B 226 -19.69 24.64 -1.02
CA PRO B 226 -18.75 24.77 -2.11
C PRO B 226 -17.63 23.77 -1.97
N LEU B 227 -17.05 23.43 -3.11
CA LEU B 227 -15.98 22.48 -3.16
C LEU B 227 -14.79 23.07 -3.93
N PHE B 228 -13.57 22.83 -3.44
CA PHE B 228 -12.38 23.21 -4.16
C PHE B 228 -11.30 22.14 -3.99
N PHE B 229 -10.19 22.30 -4.69
CA PHE B 229 -9.11 21.35 -4.61
C PHE B 229 -8.02 21.93 -3.72
N MET B 230 -7.83 21.31 -2.54
CA MET B 230 -6.78 21.75 -1.63
C MET B 230 -5.39 21.28 -2.08
N GLU B 231 -5.33 20.24 -2.92
CA GLU B 231 -4.10 19.92 -3.65
C GLU B 231 -4.46 19.47 -5.05
N VAL B 232 -3.66 19.91 -6.00
CA VAL B 232 -3.74 19.40 -7.35
C VAL B 232 -2.39 19.72 -8.01
N GLY B 233 -1.88 18.78 -8.79
CA GLY B 233 -0.58 18.97 -9.42
C GLY B 233 -0.07 17.68 -10.00
N CYS B 234 1.13 17.72 -10.57
CA CYS B 234 1.70 16.55 -11.22
C CYS B 234 3.20 16.76 -11.36
N PRO B 235 4.02 15.73 -11.05
CA PRO B 235 5.45 15.94 -11.27
C PRO B 235 5.77 16.02 -12.75
N SER B 236 6.80 16.80 -13.10
CA SER B 236 7.29 16.83 -14.49
C SER B 236 8.19 15.63 -14.75
N ARG B 237 7.60 14.42 -14.74
CA ARG B 237 8.31 13.17 -15.03
C ARG B 237 7.50 12.30 -15.94
N SER B 238 8.19 11.51 -16.75
CA SER B 238 7.53 10.67 -17.74
C SER B 238 6.56 9.70 -17.06
N GLY B 239 5.33 9.67 -17.58
CA GLY B 239 4.30 8.75 -17.09
C GLY B 239 3.52 9.21 -15.87
N SER B 240 3.95 10.31 -15.24
CA SER B 240 3.30 10.75 -13.99
C SER B 240 1.82 11.14 -14.15
N GLY B 241 1.41 11.51 -15.37
CA GLY B 241 0.01 11.85 -15.66
C GLY B 241 -0.97 10.70 -15.49
N ALA B 242 -0.46 9.47 -15.48
CA ALA B 242 -1.28 8.31 -15.16
C ALA B 242 -1.43 8.08 -13.66
N CYS B 243 -0.53 8.65 -12.85
CA CYS B 243 -0.54 8.54 -11.38
C CYS B 243 0.01 9.83 -10.73
N PRO B 244 -0.66 10.98 -10.95
CA PRO B 244 -0.11 12.27 -10.49
C PRO B 244 0.08 12.39 -8.98
N TRP B 245 -0.58 11.51 -8.22
CA TRP B 245 -0.49 11.51 -6.74
C TRP B 245 0.84 10.93 -6.23
N ASP B 246 1.50 10.16 -7.09
CA ASP B 246 2.62 9.30 -6.62
C ASP B 246 3.95 10.04 -6.78
N TYR B 247 4.42 10.60 -5.66
CA TYR B 247 5.65 11.38 -5.65
C TYR B 247 6.86 10.51 -5.81
N ARG B 248 6.71 9.21 -5.59
CA ARG B 248 7.79 8.24 -5.80
C ARG B 248 7.85 7.64 -7.20
N HIS B 249 6.87 7.92 -8.06
CA HIS B 249 6.87 7.37 -9.42
C HIS B 249 8.17 7.72 -10.14
N PRO B 250 8.99 6.69 -10.49
CA PRO B 250 10.23 6.93 -11.20
C PRO B 250 9.97 7.33 -12.65
N GLY B 251 10.76 8.26 -13.16
CA GLY B 251 10.67 8.64 -14.55
C GLY B 251 11.63 9.74 -14.94
N ALA B 252 12.06 9.70 -16.20
CA ALA B 252 12.87 10.78 -16.78
C ALA B 252 12.12 12.09 -16.64
N VAL B 253 12.86 13.20 -16.51
CA VAL B 253 12.24 14.52 -16.49
C VAL B 253 11.45 14.69 -17.78
N CYS B 254 10.24 15.20 -17.65
CA CYS B 254 9.34 15.41 -18.79
C CYS B 254 8.40 16.58 -18.46
N LEU B 255 8.76 17.74 -18.97
CA LEU B 255 8.08 18.98 -18.64
C LEU B 255 6.69 18.97 -19.28
N ASP B 256 6.59 18.35 -20.45
CA ASP B 256 5.34 18.28 -21.17
C ASP B 256 4.26 17.44 -20.49
N GLU B 257 4.68 16.41 -19.74
CA GLU B 257 3.73 15.55 -19.02
C GLU B 257 2.95 16.39 -17.99
N GLN B 258 3.68 17.23 -17.30
CA GLN B 258 3.10 18.10 -16.28
C GLN B 258 2.16 19.11 -16.93
N ALA B 259 2.60 19.71 -18.03
CA ALA B 259 1.75 20.64 -18.77
C ALA B 259 0.45 19.94 -19.17
N ARG B 260 0.53 18.70 -19.63
CA ARG B 260 -0.67 18.02 -20.11
C ARG B 260 -1.70 17.77 -18.99
N PHE B 261 -1.21 17.53 -17.79
CA PHE B 261 -2.09 17.35 -16.62
C PHE B 261 -2.90 18.62 -16.41
N TYR B 262 -2.20 19.75 -16.38
CA TYR B 262 -2.86 21.01 -16.13
C TYR B 262 -3.85 21.36 -17.24
N GLU B 263 -3.45 21.14 -18.50
CA GLU B 263 -4.38 21.40 -19.63
C GLU B 263 -5.65 20.54 -19.51
N ALA B 264 -5.49 19.29 -19.13
CA ALA B 264 -6.63 18.39 -19.01
C ALA B 264 -7.58 18.81 -17.89
N MET B 265 -7.00 19.21 -16.76
CA MET B 265 -7.75 19.70 -15.61
C MET B 265 -8.58 20.96 -15.94
N PHE B 266 -7.93 21.97 -16.50
CA PHE B 266 -8.62 23.21 -16.79
C PHE B 266 -9.69 23.02 -17.86
N ALA B 267 -9.46 22.08 -18.79
CA ALA B 267 -10.44 21.80 -19.85
C ALA B 267 -11.72 21.14 -19.28
N ALA B 268 -11.56 20.31 -18.24
CA ALA B 268 -12.64 19.52 -17.65
C ALA B 268 -13.51 20.33 -16.69
N MET B 269 -12.89 21.22 -15.93
CA MET B 269 -13.61 21.92 -14.89
C MET B 269 -14.54 23.00 -15.44
N PRO B 270 -15.82 22.92 -15.10
CA PRO B 270 -16.74 23.90 -15.62
C PRO B 270 -16.79 25.18 -14.80
N ASP B 271 -17.36 26.21 -15.41
CA ASP B 271 -17.56 27.49 -14.77
C ASP B 271 -18.93 27.47 -14.06
N GLU B 272 -18.94 26.89 -12.87
CA GLU B 272 -20.16 26.66 -12.10
C GLU B 272 -19.90 27.08 -10.65
N PRO B 273 -20.89 27.71 -10.00
CA PRO B 273 -20.53 28.42 -8.75
C PRO B 273 -20.23 27.51 -7.55
N TRP B 274 -20.62 26.24 -7.62
CA TRP B 274 -20.26 25.26 -6.56
C TRP B 274 -18.73 25.00 -6.46
N PHE B 275 -18.00 25.29 -7.54
CA PHE B 275 -16.57 25.01 -7.62
C PHE B 275 -15.81 26.26 -7.30
N LYS B 276 -14.99 26.21 -6.25
CA LYS B 276 -14.27 27.43 -5.77
C LYS B 276 -12.78 27.49 -6.11
N GLY B 277 -12.27 26.54 -6.88
CA GLY B 277 -10.95 26.70 -7.47
C GLY B 277 -9.85 25.78 -6.98
N TYR B 278 -8.62 26.30 -7.05
CA TYR B 278 -7.44 25.44 -7.10
C TYR B 278 -6.37 25.86 -6.11
N MET B 279 -5.91 24.93 -5.30
CA MET B 279 -4.72 25.15 -4.51
C MET B 279 -3.65 24.17 -5.00
N LEU B 280 -2.71 24.69 -5.77
CA LEU B 280 -1.71 23.89 -6.46
C LEU B 280 -0.68 23.31 -5.51
N TRP B 281 -0.18 22.12 -5.89
CA TRP B 281 0.88 21.45 -5.17
C TRP B 281 2.03 21.35 -6.15
N GLU B 282 3.21 21.92 -5.86
CA GLU B 282 3.58 22.65 -4.66
C GLU B 282 4.75 23.58 -5.01
N TRP B 283 5.16 24.39 -4.04
CA TRP B 283 6.22 25.33 -4.21
C TRP B 283 7.23 25.14 -3.07
N PRO B 284 8.53 24.97 -3.40
CA PRO B 284 9.51 24.70 -2.34
C PRO B 284 9.97 25.95 -1.59
N TRP B 285 10.38 25.80 -0.33
CA TRP B 285 10.95 26.95 0.39
C TRP B 285 12.28 27.39 -0.25
N LYS B 286 13.02 26.44 -0.83
CA LYS B 286 14.25 26.74 -1.53
C LYS B 286 13.96 26.58 -3.02
N LEU B 287 13.80 27.70 -3.70
CA LEU B 287 13.39 27.69 -5.09
C LEU B 287 14.60 27.63 -6.02
N TYR B 288 14.57 26.71 -6.99
CA TYR B 288 15.61 26.61 -7.99
C TYR B 288 15.57 27.85 -8.91
N PRO B 289 16.73 28.20 -9.50
CA PRO B 289 16.72 29.22 -10.55
C PRO B 289 15.95 28.74 -11.78
N ARG B 290 15.29 29.65 -12.49
CA ARG B 290 14.55 29.30 -13.71
C ARG B 290 15.38 28.47 -14.70
N GLU B 291 16.66 28.83 -14.83
CA GLU B 291 17.55 28.15 -15.77
C GLU B 291 17.72 26.66 -15.43
N ALA B 292 17.40 26.26 -14.20
CA ALA B 292 17.49 24.86 -13.77
C ALA B 292 16.18 24.11 -13.91
N ALA B 293 15.10 24.79 -14.31
CA ALA B 293 13.79 24.16 -14.39
C ALA B 293 13.75 22.95 -15.30
N SER B 294 14.48 23.01 -16.41
CA SER B 294 14.42 21.96 -17.40
C SER B 294 14.97 20.62 -16.90
N GLU B 295 15.71 20.61 -15.80
CA GLU B 295 16.23 19.38 -15.21
C GLU B 295 15.51 19.00 -13.92
N ASP B 296 14.41 19.70 -13.62
CA ASP B 296 13.70 19.49 -12.36
C ASP B 296 12.49 18.62 -12.60
N GLY B 297 12.39 17.53 -11.83
CA GLY B 297 11.30 16.57 -11.94
C GLY B 297 10.22 16.70 -10.89
N SER B 298 10.19 17.80 -10.15
CA SER B 298 9.27 17.95 -9.01
C SER B 298 7.91 18.41 -9.45
N TYR B 299 7.04 18.58 -8.46
CA TYR B 299 5.71 19.14 -8.66
C TYR B 299 5.74 20.63 -8.97
N CYS B 300 6.86 21.30 -8.73
CA CYS B 300 6.90 22.76 -8.94
C CYS B 300 6.72 23.09 -10.44
N ILE B 301 5.88 24.08 -10.72
CA ILE B 301 5.72 24.58 -12.09
C ILE B 301 6.66 25.70 -12.50
N TYR B 302 7.42 26.26 -11.56
CA TYR B 302 8.24 27.44 -11.83
C TYR B 302 9.25 27.18 -12.94
N GLY B 303 9.18 28.01 -13.97
CA GLY B 303 10.12 27.95 -15.09
C GLY B 303 9.81 26.89 -16.12
N LYS B 304 8.65 26.26 -16.00
CA LYS B 304 8.27 25.14 -16.85
C LYS B 304 7.06 25.55 -17.68
N PRO B 305 6.76 24.77 -18.73
CA PRO B 305 5.56 25.06 -19.53
C PRO B 305 4.24 25.15 -18.73
N ALA B 306 4.08 24.35 -17.67
CA ALA B 306 2.90 24.42 -16.82
C ALA B 306 2.69 25.81 -16.18
N GLU B 307 3.79 26.50 -15.90
CA GLU B 307 3.70 27.87 -15.42
C GLU B 307 2.86 28.73 -16.38
N ASP B 308 3.05 28.54 -17.68
CA ASP B 308 2.31 29.31 -18.69
C ASP B 308 0.87 28.85 -18.84
N VAL B 309 0.64 27.54 -18.77
CA VAL B 309 -0.71 26.99 -18.81
C VAL B 309 -1.54 27.59 -17.67
N VAL B 310 -0.94 27.60 -16.49
CA VAL B 310 -1.57 28.11 -15.29
C VAL B 310 -1.78 29.62 -15.40
N ALA B 311 -0.74 30.34 -15.85
CA ALA B 311 -0.81 31.79 -15.95
C ALA B 311 -1.94 32.23 -16.89
N ARG B 312 -2.08 31.50 -18.01
CA ARG B 312 -3.17 31.74 -18.97
C ARG B 312 -4.53 31.50 -18.34
N ALA B 313 -4.69 30.34 -17.70
CA ALA B 313 -5.93 30.03 -16.99
C ALA B 313 -6.28 31.03 -15.87
N PHE B 314 -5.28 31.42 -15.08
CA PHE B 314 -5.51 32.23 -13.87
C PHE B 314 -5.59 33.75 -14.14
N SER B 315 -4.88 34.21 -15.16
CA SER B 315 -5.05 35.57 -15.63
C SER B 315 -6.42 35.72 -16.31
N ALA B 316 -6.90 34.65 -16.93
CA ALA B 316 -8.24 34.65 -17.58
C ALA B 316 -9.37 34.56 -16.55
N ILE B 317 -9.20 33.73 -15.53
CA ILE B 317 -10.17 33.70 -14.39
C ILE B 317 -9.93 34.92 -13.49
N ALA B 318 -9.68 36.08 -14.11
CA ALA B 318 -9.18 37.27 -13.42
C ALA B 318 -7.88 36.93 -12.70
C1 MAN C . -12.45 -22.52 -7.56
C2 MAN C . -11.21 -21.80 -7.06
C3 MAN C . -10.20 -22.90 -6.71
C4 MAN C . -10.81 -23.80 -5.63
C5 MAN C . -12.25 -24.27 -5.94
C6 MAN C . -12.91 -24.79 -4.67
O1 MAN C . -12.49 -22.81 -8.95
O2 MAN C . -11.52 -20.99 -5.93
O3 MAN C . -8.99 -22.35 -6.28
O4 MAN C . -10.01 -24.97 -5.51
O5 MAN C . -13.08 -23.26 -6.52
O6 MAN C . -13.57 -25.99 -4.98
C1 BMA C . -8.90 -24.87 -4.62
C2 BMA C . -8.58 -26.28 -4.10
C3 BMA C . -7.37 -26.22 -3.19
C4 BMA C . -6.22 -25.45 -3.83
C5 BMA C . -6.67 -24.11 -4.42
C6 BMA C . -5.54 -23.44 -5.19
O2 BMA C . -8.34 -27.20 -5.17
O3 BMA C . -6.90 -27.51 -2.80
O4 BMA C . -5.25 -25.17 -2.81
O5 BMA C . -7.77 -24.30 -5.28
O6 BMA C . -6.04 -22.31 -5.90
C1 MAN D . -4.38 4.71 -4.31
C2 MAN D . -4.91 6.13 -4.18
C3 MAN D . -3.63 6.94 -3.96
C4 MAN D . -2.78 6.37 -2.83
C5 MAN D . -2.59 4.84 -2.89
C6 MAN D . -2.00 4.23 -1.59
O1 MAN D . -4.02 4.29 -5.60
O2 MAN D . -5.75 6.31 -3.07
O3 MAN D . -3.92 8.32 -3.76
O4 MAN D . -1.49 6.92 -2.96
O5 MAN D . -3.80 4.15 -3.14
O6 MAN D . -0.76 3.73 -1.96
C1 BMA D . -1.24 8.04 -2.14
C2 BMA D . 0.24 8.14 -1.86
C3 BMA D . 0.45 9.35 -0.96
C4 BMA D . -0.15 10.62 -1.56
C5 BMA D . -1.59 10.40 -1.96
C6 BMA D . -2.10 11.58 -2.73
O2 BMA D . 0.98 8.22 -3.09
O3 BMA D . 1.82 9.62 -0.70
O4 BMA D . -0.06 11.70 -0.61
O5 BMA D . -1.67 9.24 -2.80
O6 BMA D . -3.31 11.26 -3.40
O4 IFM E . -1.22 -28.44 -3.27
C4 IFM E . -2.08 -27.29 -3.20
C3 IFM E . -1.81 -26.50 -1.92
O3 IFM E . -2.38 -27.25 -0.83
C2 IFM E . -2.40 -25.08 -1.92
N IFM E . -2.49 -24.46 -3.24
C1 IFM E . -2.67 -25.25 -4.44
C5 IFM E . -1.81 -26.49 -4.45
C6 IFM E . -2.10 -27.30 -5.71
O6 IFM E . -3.46 -27.74 -5.79
C1 BMA F . -1.33 -29.82 -3.00
C2 BMA F . -0.27 -30.82 -3.41
C3 BMA F . -0.82 -32.19 -2.97
C4 BMA F . -1.02 -32.16 -1.47
C5 BMA F . -1.96 -31.02 -1.03
C6 BMA F . -2.02 -30.93 0.51
O2 BMA F . 0.98 -30.49 -2.78
O3 BMA F . 0.03 -33.26 -3.39
O4 BMA F . -1.59 -33.43 -1.08
O5 BMA F . -1.50 -29.78 -1.57
O6 BMA F . -2.70 -29.74 0.94
O4 IFM G . 3.61 15.33 -1.45
C4 IFM G . 2.36 14.64 -1.25
C3 IFM G . 1.69 15.11 0.06
O3 IFM G . 2.42 14.59 1.16
C2 IFM G . 0.23 14.68 0.23
N IFM G . -0.50 14.76 -1.04
C1 IFM G . 0.11 14.34 -2.29
C5 IFM G . 1.49 14.95 -2.46
C6 IFM G . 2.09 14.50 -3.78
O6 IFM G . 2.44 13.11 -3.81
C1 BMA H . 4.86 14.73 -1.24
C2 BMA H . 5.97 15.50 -1.92
C3 BMA H . 7.27 14.85 -1.49
C4 BMA H . 7.36 14.90 0.04
C5 BMA H . 6.15 14.20 0.66
C6 BMA H . 6.20 14.19 2.18
O2 BMA H . 5.98 16.88 -1.51
O3 BMA H . 8.35 15.51 -2.15
O4 BMA H . 8.55 14.25 0.48
O5 BMA H . 4.96 14.85 0.18
O6 BMA H . 4.94 13.71 2.65
#